data_5M05
#
_entry.id   5M05
#
_cell.length_a   73.190
_cell.length_b   202.970
_cell.length_c   67.560
_cell.angle_alpha   90.00
_cell.angle_beta   90.00
_cell.angle_gamma   90.00
#
_symmetry.space_group_name_H-M   'P 21 21 2'
#
loop_
_entity.id
_entity.type
_entity.pdbx_description
1 polymer Myosin-11
2 non-polymer 4-{[(2-chloro-3-fluorobenzyl)carbamoyl](methyl)amino}-3,4-dideoxy-5-O-(isoquinolin-3-ylcarbamoyl)-D-erythro-pentitol
3 non-polymer 'MAGNESIUM ION'
4 non-polymer "ADENOSINE-5'-DIPHOSPHATE"
5 water water
#
_entity_poly.entity_id   1
_entity_poly.type   'polypeptide(L)'
_entity_poly.pdbx_seq_one_letter_code
;MAQKPLSDDEKFLFVDKNFVNNPLAQADWSAKKLVWVPSEKHGFEAASIKEEKGDEVTVELQENGKKVTLSKDDIQKMNP
PKFSKVEDMAELTCLNEASVLHNLRERYFSGLIYTYSGLFCVVINPYKQLPIYSEKIIDMYKGKKRHEMPPHIYAIADTA
YRSMLQDREDQSILCTGESGAGKTENTKKVIQYLAVVASSHKGKRTPASLKVHLFPYGELEKQLLQANPILEAFGNAKTV
KNDNSSRFGKFIRINFDVTGYIVGANIETYLLEKSRAIRQAKDERTFHIFYYLIAGASEQMRNDLLLEGFNNYTFLSNGH
VPIPAQQDDEMFQETLEAMTIMGFTEEEQTSILRVVSSVLQLGNIVFKKERNTDQASMPDNTAAQKVCHLMGINVTDFTR
SILTPRIKVGAAVVEKAQTKEQADFAIEALAKAKFERLFRWILTRVNKALDKTKRQGASFLGILDIAGFEIFEINSFEQL
CINYTNEKLQQLFNHTMFILEQEEYQREGIEWNFIDFGLDLQPCIELIERPTNPPGVLALLDEECWFPKATDTSFVEKLI
QEQGNHAKFQKSKQLKDKTEFCILHYAGKVTYNASAWLTKNMDPLNDNVTSLLNQSSDKFVADLWKDVDRIVGLDQMAKM
TESSLPSASKTKKGMFRTVGQLYKEQLTKLMTTLRNTNPNFVRCIIPNHEKRAGKLDAHLVLEQLRCNGVLEGIRICRQG
FPNRIVFQEFRQRYEILAANAIPKGFMDGKQACILMIKALELDPNLYRIGQSKIFFRTGVLAHLEEERDLGSDYKDDDDK
;
_entity_poly.pdbx_strand_id   A
#
loop_
_chem_comp.id
_chem_comp.type
_chem_comp.name
_chem_comp.formula
52E non-polymer 4-{[(2-chloro-3-fluorobenzyl)carbamoyl](methyl)amino}-3,4-dideoxy-5-O-(isoquinolin-3-ylcarbamoyl)-D-erythro-pentitol 'C24 H26 Cl F N4 O5'
ADP non-polymer ADENOSINE-5'-DIPHOSPHATE 'C10 H15 N5 O10 P2'
MG non-polymer 'MAGNESIUM ION' 'Mg 2'
#
# COMPACT_ATOMS: atom_id res chain seq x y z
N LYS A 33 2.80 -19.07 -38.05
CA LYS A 33 3.96 -18.19 -37.93
C LYS A 33 3.59 -16.99 -37.06
N LEU A 34 2.89 -17.25 -35.97
CA LEU A 34 2.30 -16.20 -35.14
C LEU A 34 3.27 -15.47 -34.21
N VAL A 35 3.01 -14.17 -34.06
CA VAL A 35 3.89 -13.31 -33.31
C VAL A 35 3.09 -12.25 -32.52
N TRP A 36 3.73 -11.62 -31.53
CA TRP A 36 3.11 -10.52 -30.78
C TRP A 36 3.51 -9.15 -31.34
N VAL A 37 2.52 -8.30 -31.63
CA VAL A 37 2.81 -6.92 -32.02
C VAL A 37 2.08 -5.92 -31.09
N PRO A 38 2.66 -4.72 -30.92
CA PRO A 38 2.03 -3.63 -30.18
C PRO A 38 0.63 -3.29 -30.70
N SER A 39 -0.30 -3.03 -29.79
CA SER A 39 -1.65 -2.67 -30.18
C SER A 39 -2.11 -1.53 -29.29
N GLU A 40 -2.68 -0.48 -29.89
CA GLU A 40 -3.12 0.66 -29.11
C GLU A 40 -4.35 0.31 -28.30
N LYS A 41 -5.15 -0.61 -28.84
CA LYS A 41 -6.32 -1.09 -28.13
C LYS A 41 -5.97 -2.11 -27.04
N HIS A 42 -5.27 -3.20 -27.42
CA HIS A 42 -5.10 -4.34 -26.54
C HIS A 42 -3.74 -4.41 -25.86
N GLY A 43 -2.89 -3.42 -26.08
CA GLY A 43 -1.55 -3.45 -25.51
C GLY A 43 -0.62 -4.30 -26.36
N PHE A 44 -0.95 -5.59 -26.49
CA PHE A 44 -0.29 -6.47 -27.45
C PHE A 44 -1.33 -7.35 -28.11
N GLU A 45 -1.00 -7.88 -29.29
CA GLU A 45 -1.97 -8.44 -30.20
C GLU A 45 -1.29 -9.50 -31.06
N ALA A 46 -2.02 -10.58 -31.37
CA ALA A 46 -1.49 -11.66 -32.18
C ALA A 46 -1.51 -11.28 -33.64
N ALA A 47 -0.41 -11.60 -34.32
CA ALA A 47 -0.25 -11.26 -35.72
C ALA A 47 0.61 -12.33 -36.41
N SER A 48 0.36 -12.54 -37.70
CA SER A 48 1.14 -13.49 -38.48
C SER A 48 2.07 -12.75 -39.45
N ILE A 49 3.35 -13.11 -39.42
CA ILE A 49 4.33 -12.49 -40.32
C ILE A 49 4.02 -12.76 -41.80
N LYS A 50 4.09 -11.73 -42.62
CA LYS A 50 3.62 -11.83 -44.01
C LYS A 50 4.66 -11.38 -45.03
N GLU A 51 5.75 -10.77 -44.57
CA GLU A 51 6.74 -10.18 -45.47
C GLU A 51 7.84 -9.55 -44.65
N GLU A 52 9.07 -9.64 -45.14
CA GLU A 52 10.22 -8.99 -44.50
C GLU A 52 10.97 -8.17 -45.53
N LYS A 53 11.98 -7.43 -45.08
CA LYS A 53 12.65 -6.40 -45.87
C LYS A 53 13.63 -5.74 -44.92
N GLY A 54 14.74 -6.42 -44.62
CA GLY A 54 15.76 -5.88 -43.75
C GLY A 54 15.29 -5.73 -42.31
N ASP A 55 15.09 -4.49 -41.87
CA ASP A 55 14.58 -4.23 -40.52
C ASP A 55 13.09 -3.98 -40.55
N GLU A 56 12.49 -4.11 -41.71
CA GLU A 56 11.05 -3.91 -41.81
C GLU A 56 10.34 -5.24 -41.84
N VAL A 57 9.11 -5.27 -41.34
CA VAL A 57 8.28 -6.47 -41.37
C VAL A 57 6.85 -6.03 -41.62
N THR A 58 6.14 -6.78 -42.46
CA THR A 58 4.73 -6.53 -42.73
C THR A 58 3.99 -7.70 -42.14
N VAL A 59 2.91 -7.42 -41.43
CA VAL A 59 2.28 -8.43 -40.60
C VAL A 59 0.80 -8.38 -40.86
N GLU A 60 0.08 -9.41 -40.45
CA GLU A 60 -1.36 -9.44 -40.63
C GLU A 60 -2.01 -9.69 -39.28
N LEU A 61 -2.76 -8.70 -38.79
CA LEU A 61 -3.35 -8.79 -37.45
C LEU A 61 -4.34 -9.93 -37.42
N GLN A 62 -4.19 -10.82 -36.47
CA GLN A 62 -4.97 -12.04 -36.42
C GLN A 62 -6.44 -11.81 -36.09
N GLU A 63 -6.80 -10.57 -35.80
CA GLU A 63 -8.16 -10.29 -35.34
C GLU A 63 -9.10 -9.78 -36.44
N ASN A 64 -8.55 -9.06 -37.41
CA ASN A 64 -9.34 -8.36 -38.40
C ASN A 64 -8.65 -8.32 -39.75
N GLY A 65 -7.65 -9.17 -39.93
CA GLY A 65 -6.95 -9.27 -41.20
C GLY A 65 -6.14 -8.04 -41.59
N LYS A 66 -6.24 -6.96 -40.82
CA LYS A 66 -5.58 -5.70 -41.17
C LYS A 66 -4.06 -5.82 -41.32
N LYS A 67 -3.50 -5.10 -42.28
CA LYS A 67 -2.09 -5.19 -42.58
C LYS A 67 -1.36 -4.15 -41.72
N VAL A 68 -0.18 -4.48 -41.21
CA VAL A 68 0.59 -3.54 -40.39
C VAL A 68 2.09 -3.72 -40.65
N THR A 69 2.80 -2.61 -40.80
CA THR A 69 4.23 -2.66 -41.08
C THR A 69 5.00 -2.16 -39.86
N LEU A 70 5.98 -2.94 -39.40
CA LEU A 70 6.71 -2.61 -38.18
C LEU A 70 8.20 -2.80 -38.32
N SER A 71 8.93 -2.21 -37.39
CA SER A 71 10.33 -2.56 -37.22
C SER A 71 10.39 -3.96 -36.62
N LYS A 72 11.41 -4.73 -37.00
CA LYS A 72 11.65 -6.06 -36.43
C LYS A 72 11.84 -5.94 -34.93
N ASP A 73 12.29 -4.76 -34.50
CA ASP A 73 12.51 -4.47 -33.08
C ASP A 73 11.23 -4.39 -32.27
N ASP A 74 10.08 -4.29 -32.91
CA ASP A 74 8.83 -4.11 -32.17
C ASP A 74 8.10 -5.42 -32.03
N ILE A 75 8.66 -6.45 -32.63
CA ILE A 75 8.08 -7.79 -32.63
C ILE A 75 8.48 -8.56 -31.36
N GLN A 76 7.54 -9.22 -30.72
CA GLN A 76 7.88 -10.08 -29.56
C GLN A 76 7.52 -11.56 -29.77
N LYS A 77 8.46 -12.43 -29.46
CA LYS A 77 8.28 -13.86 -29.65
C LYS A 77 7.12 -14.40 -28.79
N MET A 78 6.41 -15.36 -29.35
CA MET A 78 5.24 -15.92 -28.69
C MET A 78 5.60 -17.28 -28.09
N ASN A 79 5.09 -17.59 -26.90
CA ASN A 79 5.29 -18.90 -26.27
C ASN A 79 4.36 -19.97 -26.83
N PRO A 80 4.81 -21.24 -26.88
CA PRO A 80 4.00 -22.36 -27.34
C PRO A 80 2.75 -22.54 -26.50
N PRO A 81 1.67 -23.04 -27.10
CA PRO A 81 0.37 -23.19 -26.44
C PRO A 81 0.35 -24.09 -25.20
N LYS A 82 1.44 -24.79 -24.91
CA LYS A 82 1.48 -25.68 -23.74
C LYS A 82 1.71 -24.87 -22.46
N PHE A 83 1.98 -23.58 -22.62
CA PHE A 83 2.18 -22.70 -21.48
C PHE A 83 0.92 -21.88 -21.23
N SER A 84 -0.21 -22.33 -21.75
CA SER A 84 -1.41 -21.53 -21.62
C SER A 84 -1.87 -21.49 -20.16
N LYS A 85 -1.97 -20.28 -19.61
CA LYS A 85 -2.41 -20.11 -18.23
C LYS A 85 -1.44 -20.79 -17.26
N VAL A 86 -0.15 -20.71 -17.59
CA VAL A 86 0.86 -21.31 -16.77
C VAL A 86 0.82 -20.67 -15.37
N GLU A 87 0.95 -21.47 -14.32
CA GLU A 87 0.81 -20.98 -12.95
C GLU A 87 2.06 -20.28 -12.40
N ASP A 88 3.22 -20.52 -13.00
CA ASP A 88 4.45 -19.84 -12.60
C ASP A 88 5.16 -19.38 -13.85
N MET A 89 5.16 -18.08 -14.10
CA MET A 89 5.65 -17.56 -15.37
C MET A 89 7.17 -17.65 -15.54
N ALA A 90 7.85 -18.08 -14.49
CA ALA A 90 9.29 -18.30 -14.58
C ALA A 90 9.52 -19.50 -15.49
N GLU A 91 8.48 -20.31 -15.64
CA GLU A 91 8.53 -21.46 -16.53
C GLU A 91 8.42 -21.08 -18.01
N LEU A 92 8.02 -19.85 -18.31
CA LEU A 92 7.89 -19.43 -19.69
C LEU A 92 9.24 -19.54 -20.37
N THR A 93 9.22 -19.96 -21.61
CA THR A 93 10.46 -20.20 -22.31
C THR A 93 10.84 -19.01 -23.18
N CYS A 94 9.91 -18.06 -23.29
CA CYS A 94 10.17 -16.73 -23.88
C CYS A 94 9.72 -15.63 -22.91
N LEU A 95 10.68 -15.00 -22.27
CA LEU A 95 10.38 -13.96 -21.31
C LEU A 95 10.27 -12.60 -22.02
N ASN A 96 9.06 -12.09 -22.15
CA ASN A 96 8.84 -10.74 -22.68
C ASN A 96 7.53 -10.12 -22.15
N GLU A 97 7.39 -8.80 -22.25
CA GLU A 97 6.22 -8.13 -21.67
C GLU A 97 4.93 -8.61 -22.30
N ALA A 98 4.98 -8.91 -23.60
CA ALA A 98 3.80 -9.39 -24.31
C ALA A 98 3.33 -10.75 -23.79
N SER A 99 4.27 -11.67 -23.61
CA SER A 99 3.94 -13.02 -23.16
C SER A 99 3.48 -13.01 -21.70
N VAL A 100 4.08 -12.14 -20.89
CA VAL A 100 3.61 -12.00 -19.52
C VAL A 100 2.17 -11.51 -19.47
N LEU A 101 1.89 -10.39 -20.15
CA LEU A 101 0.56 -9.82 -20.18
C LEU A 101 -0.48 -10.85 -20.64
N HIS A 102 -0.13 -11.64 -21.63
CA HIS A 102 -1.07 -12.60 -22.21
C HIS A 102 -1.45 -13.64 -21.19
N ASN A 103 -0.45 -14.16 -20.50
CA ASN A 103 -0.67 -15.16 -19.48
C ASN A 103 -1.56 -14.66 -18.33
N LEU A 104 -1.24 -13.48 -17.81
CA LEU A 104 -2.06 -12.86 -16.77
C LEU A 104 -3.51 -12.64 -17.25
N ARG A 105 -3.65 -12.30 -18.52
CA ARG A 105 -4.93 -11.95 -19.10
C ARG A 105 -5.72 -13.24 -19.30
N GLU A 106 -5.05 -14.29 -19.78
CA GLU A 106 -5.71 -15.58 -19.96
C GLU A 106 -6.22 -16.20 -18.64
N ARG A 107 -5.39 -16.19 -17.60
CA ARG A 107 -5.79 -16.75 -16.31
C ARG A 107 -6.97 -15.94 -15.78
N TYR A 108 -6.86 -14.61 -15.86
CA TYR A 108 -7.87 -13.71 -15.32
C TYR A 108 -9.28 -14.01 -15.84
N PHE A 109 -9.41 -14.18 -17.15
CA PHE A 109 -10.74 -14.45 -17.72
C PHE A 109 -11.27 -15.87 -17.45
N SER A 110 -10.41 -16.78 -16.99
CA SER A 110 -10.88 -18.08 -16.50
C SER A 110 -11.11 -17.99 -15.00
N GLY A 111 -11.30 -16.77 -14.49
CA GLY A 111 -11.56 -16.59 -13.08
C GLY A 111 -10.41 -16.95 -12.15
N LEU A 112 -9.19 -16.96 -12.69
CA LEU A 112 -7.98 -17.29 -11.92
C LEU A 112 -7.19 -16.02 -11.59
N ILE A 113 -7.38 -15.47 -10.39
CA ILE A 113 -6.78 -14.16 -10.11
C ILE A 113 -5.32 -14.24 -9.70
N TYR A 114 -4.85 -15.39 -9.21
CA TYR A 114 -3.49 -15.51 -8.65
C TYR A 114 -2.54 -16.15 -9.65
N THR A 115 -1.35 -15.58 -9.80
CA THR A 115 -0.30 -16.15 -10.64
C THR A 115 1.04 -15.99 -9.94
N TYR A 116 1.92 -16.96 -10.08
CA TYR A 116 3.26 -16.79 -9.54
C TYR A 116 4.14 -16.30 -10.66
N SER A 117 5.18 -15.54 -10.32
CA SER A 117 6.12 -15.10 -11.33
C SER A 117 7.53 -15.16 -10.80
N GLY A 118 7.99 -16.39 -10.56
CA GLY A 118 9.28 -16.63 -9.96
C GLY A 118 9.29 -16.19 -8.51
N LEU A 119 10.04 -15.14 -8.21
CA LEU A 119 10.31 -14.74 -6.83
C LEU A 119 9.25 -13.88 -6.13
N PHE A 120 8.07 -13.67 -6.74
CA PHE A 120 6.99 -12.89 -6.12
C PHE A 120 5.63 -13.25 -6.70
N CYS A 121 4.56 -12.72 -6.14
CA CYS A 121 3.21 -13.10 -6.58
C CYS A 121 2.43 -11.92 -7.17
N VAL A 122 1.48 -12.21 -8.07
CA VAL A 122 0.66 -11.17 -8.71
C VAL A 122 -0.86 -11.43 -8.64
N VAL A 123 -1.64 -10.43 -8.25
CA VAL A 123 -3.09 -10.61 -8.04
C VAL A 123 -3.95 -9.55 -8.71
N ILE A 124 -4.85 -9.97 -9.59
CA ILE A 124 -5.75 -9.04 -10.27
C ILE A 124 -7.13 -9.08 -9.67
N ASN A 125 -7.51 -7.97 -9.03
CA ASN A 125 -8.79 -7.82 -8.37
C ASN A 125 -9.94 -8.24 -9.31
N PRO A 126 -10.73 -9.26 -8.89
CA PRO A 126 -11.82 -9.79 -9.69
C PRO A 126 -13.04 -8.88 -9.70
N TYR A 127 -13.18 -8.02 -8.71
CA TYR A 127 -14.37 -7.16 -8.55
C TYR A 127 -15.68 -7.95 -8.51
N LYS A 128 -15.63 -9.11 -7.86
CA LYS A 128 -16.78 -10.00 -7.70
C LYS A 128 -16.32 -11.09 -6.74
N GLN A 129 -17.26 -11.82 -6.14
CA GLN A 129 -16.91 -12.86 -5.16
C GLN A 129 -16.50 -14.17 -5.83
N LEU A 130 -15.41 -14.75 -5.36
CA LEU A 130 -14.96 -16.03 -5.89
C LEU A 130 -15.00 -17.14 -4.83
N PRO A 131 -15.29 -18.37 -5.26
CA PRO A 131 -15.47 -19.56 -4.42
C PRO A 131 -14.14 -20.12 -3.90
N ILE A 132 -13.17 -19.25 -3.69
CA ILE A 132 -11.81 -19.71 -3.48
C ILE A 132 -11.31 -19.45 -2.06
N TYR A 133 -12.19 -18.93 -1.20
CA TYR A 133 -11.78 -18.56 0.16
C TYR A 133 -12.45 -19.31 1.30
N SER A 134 -12.95 -20.52 1.03
CA SER A 134 -13.73 -21.31 1.98
C SER A 134 -12.88 -21.95 3.07
N GLU A 135 -13.55 -22.58 4.03
CA GLU A 135 -12.85 -23.34 5.06
C GLU A 135 -12.21 -24.60 4.48
N LYS A 136 -12.89 -25.23 3.53
CA LYS A 136 -12.34 -26.39 2.86
C LYS A 136 -11.00 -26.05 2.25
N ILE A 137 -10.96 -24.98 1.46
CA ILE A 137 -9.76 -24.60 0.71
C ILE A 137 -8.58 -24.27 1.62
N ILE A 138 -8.88 -23.63 2.75
CA ILE A 138 -7.87 -23.38 3.78
C ILE A 138 -7.18 -24.67 4.21
N ASP A 139 -7.97 -25.72 4.41
CA ASP A 139 -7.39 -26.99 4.85
C ASP A 139 -6.57 -27.64 3.74
N MET A 140 -6.99 -27.46 2.49
CA MET A 140 -6.23 -27.98 1.34
C MET A 140 -4.83 -27.39 1.18
N TYR A 141 -4.59 -26.18 1.69
CA TYR A 141 -3.25 -25.57 1.54
C TYR A 141 -2.30 -25.83 2.71
N LYS A 142 -2.85 -26.34 3.81
CA LYS A 142 -2.11 -26.64 5.03
C LYS A 142 -0.99 -27.59 4.73
N GLY A 143 0.25 -27.15 4.91
CA GLY A 143 1.41 -28.02 4.74
C GLY A 143 2.02 -28.03 3.36
N LYS A 144 1.29 -27.53 2.36
CA LYS A 144 1.69 -27.64 0.95
C LYS A 144 2.85 -26.75 0.49
N LYS A 145 3.66 -27.27 -0.43
CA LYS A 145 4.73 -26.49 -1.06
C LYS A 145 4.13 -25.64 -2.17
N ARG A 146 4.64 -24.43 -2.35
CA ARG A 146 4.05 -23.43 -3.22
C ARG A 146 3.58 -24.01 -4.56
N HIS A 147 4.37 -24.96 -5.06
CA HIS A 147 4.14 -25.53 -6.39
C HIS A 147 3.28 -26.80 -6.41
N GLU A 148 2.77 -27.22 -5.24
CA GLU A 148 1.90 -28.39 -5.17
C GLU A 148 0.43 -28.02 -5.21
N MET A 149 0.16 -26.73 -5.36
CA MET A 149 -1.20 -26.25 -5.45
C MET A 149 -1.27 -25.16 -6.51
N PRO A 150 -2.49 -24.80 -6.94
CA PRO A 150 -2.69 -23.60 -7.75
C PRO A 150 -2.25 -22.38 -6.96
N PRO A 151 -1.76 -21.34 -7.63
CA PRO A 151 -1.32 -20.16 -6.87
C PRO A 151 -2.46 -19.58 -6.07
N HIS A 152 -2.19 -19.16 -4.83
CA HIS A 152 -3.23 -18.63 -3.93
C HIS A 152 -2.51 -17.78 -2.88
N ILE A 153 -3.24 -16.86 -2.26
CA ILE A 153 -2.71 -16.08 -1.14
C ILE A 153 -2.45 -17.04 0.05
N TYR A 154 -3.32 -18.04 0.23
CA TYR A 154 -3.14 -19.06 1.26
C TYR A 154 -1.77 -19.74 1.22
N ALA A 155 -1.27 -20.01 0.02
CA ALA A 155 0.02 -20.67 -0.12
C ALA A 155 1.22 -19.77 0.21
N ILE A 156 1.05 -18.45 0.04
CA ILE A 156 2.10 -17.50 0.42
C ILE A 156 2.15 -17.45 1.94
N ALA A 157 0.96 -17.46 2.55
CA ALA A 157 0.87 -17.37 3.98
C ALA A 157 1.37 -18.66 4.65
N ASP A 158 1.08 -19.81 4.05
CA ASP A 158 1.47 -21.09 4.63
C ASP A 158 2.98 -21.31 4.52
N THR A 159 3.54 -21.01 3.36
CA THR A 159 4.98 -21.19 3.15
C THR A 159 5.77 -20.24 4.05
N ALA A 160 5.31 -18.99 4.18
CA ALA A 160 5.95 -18.04 5.10
C ALA A 160 5.93 -18.58 6.54
N TYR A 161 4.81 -19.21 6.91
CA TYR A 161 4.62 -19.84 8.20
C TYR A 161 5.54 -21.03 8.48
N ARG A 162 5.65 -21.96 7.54
CA ARG A 162 6.58 -23.08 7.74
C ARG A 162 8.02 -22.60 7.87
N SER A 163 8.41 -21.64 7.05
CA SER A 163 9.76 -21.11 7.12
C SER A 163 10.05 -20.48 8.47
N MET A 164 9.02 -19.99 9.14
CA MET A 164 9.20 -19.33 10.43
C MET A 164 9.63 -20.36 11.45
N LEU A 165 8.93 -21.50 11.43
CA LEU A 165 9.23 -22.62 12.30
C LEU A 165 10.57 -23.24 11.91
N GLN A 166 10.66 -23.71 10.68
CA GLN A 166 11.84 -24.42 10.20
C GLN A 166 13.16 -23.66 10.36
N ASP A 167 13.16 -22.35 10.13
CA ASP A 167 14.39 -21.57 10.11
C ASP A 167 14.55 -20.68 11.35
N ARG A 168 13.53 -20.67 12.20
CA ARG A 168 13.50 -19.74 13.34
C ARG A 168 13.88 -18.30 12.92
N GLU A 169 13.11 -17.75 11.98
CA GLU A 169 13.26 -16.39 11.46
C GLU A 169 11.91 -15.72 11.35
N ASP A 170 11.90 -14.39 11.42
CA ASP A 170 10.67 -13.65 11.31
C ASP A 170 10.32 -13.40 9.86
N GLN A 171 9.02 -13.43 9.54
CA GLN A 171 8.56 -13.33 8.16
C GLN A 171 7.68 -12.09 7.89
N SER A 172 7.72 -11.58 6.67
CA SER A 172 6.76 -10.55 6.28
C SER A 172 6.11 -10.79 4.94
N ILE A 173 4.84 -10.41 4.84
CA ILE A 173 4.10 -10.39 3.60
C ILE A 173 3.73 -8.95 3.29
N LEU A 174 4.20 -8.46 2.14
CA LEU A 174 3.93 -7.09 1.72
C LEU A 174 2.92 -7.08 0.58
N CYS A 175 1.80 -6.41 0.82
CA CYS A 175 0.75 -6.24 -0.20
C CYS A 175 0.72 -4.82 -0.72
N THR A 176 1.04 -4.65 -2.00
CA THR A 176 1.23 -3.33 -2.58
C THR A 176 0.33 -3.09 -3.79
N GLY A 177 0.15 -1.82 -4.18
CA GLY A 177 -0.69 -1.48 -5.31
C GLY A 177 -1.46 -0.17 -5.20
N GLU A 178 -1.97 0.30 -6.34
CA GLU A 178 -2.83 1.49 -6.43
C GLU A 178 -4.07 1.39 -5.54
N SER A 179 -4.70 2.52 -5.28
CA SER A 179 -6.02 2.53 -4.65
C SER A 179 -7.00 1.63 -5.39
N GLY A 180 -7.54 0.63 -4.70
CA GLY A 180 -8.52 -0.27 -5.30
C GLY A 180 -7.96 -1.55 -5.89
N ALA A 181 -6.65 -1.72 -5.84
CA ALA A 181 -6.03 -2.91 -6.41
C ALA A 181 -6.32 -4.17 -5.60
N GLY A 182 -6.59 -4.02 -4.31
CA GLY A 182 -6.97 -5.15 -3.47
C GLY A 182 -6.02 -5.54 -2.32
N LYS A 183 -5.28 -4.57 -1.80
CA LYS A 183 -4.30 -4.81 -0.73
C LYS A 183 -4.94 -5.25 0.59
N THR A 184 -6.00 -4.54 0.97
CA THR A 184 -6.72 -4.79 2.21
C THR A 184 -7.46 -6.13 2.18
N GLU A 185 -8.09 -6.47 1.07
CA GLU A 185 -8.71 -7.80 0.95
C GLU A 185 -7.71 -8.94 1.04
N ASN A 186 -6.52 -8.77 0.46
CA ASN A 186 -5.54 -9.86 0.57
C ASN A 186 -4.91 -9.89 1.96
N THR A 187 -4.77 -8.72 2.59
CA THR A 187 -4.26 -8.71 3.96
C THR A 187 -5.18 -9.52 4.85
N LYS A 188 -6.47 -9.26 4.74
CA LYS A 188 -7.45 -9.95 5.58
C LYS A 188 -7.51 -11.47 5.34
N LYS A 189 -7.27 -11.93 4.12
CA LYS A 189 -7.22 -13.36 3.87
C LYS A 189 -6.03 -14.06 4.57
N VAL A 190 -4.93 -13.33 4.77
CA VAL A 190 -3.76 -13.90 5.43
C VAL A 190 -4.03 -14.03 6.93
N ILE A 191 -4.74 -13.04 7.49
CA ILE A 191 -5.14 -13.13 8.89
C ILE A 191 -6.09 -14.32 9.07
N GLN A 192 -7.21 -14.34 8.36
CA GLN A 192 -8.15 -15.44 8.51
C GLN A 192 -7.54 -16.82 8.22
N TYR A 193 -6.50 -16.88 7.39
CA TYR A 193 -5.85 -18.16 7.16
C TYR A 193 -5.05 -18.58 8.40
N LEU A 194 -4.29 -17.63 8.97
CA LEU A 194 -3.42 -17.93 10.09
C LEU A 194 -4.20 -18.26 11.35
N ALA A 195 -5.29 -17.52 11.57
CA ALA A 195 -6.15 -17.74 12.73
C ALA A 195 -6.81 -19.11 12.70
N VAL A 196 -6.81 -19.74 11.53
CA VAL A 196 -7.38 -21.07 11.38
C VAL A 196 -6.30 -22.11 11.62
N VAL A 197 -5.19 -22.03 10.90
CA VAL A 197 -4.18 -23.09 10.95
C VAL A 197 -3.22 -23.02 12.14
N ALA A 198 -3.13 -21.85 12.77
CA ALA A 198 -2.20 -21.70 13.90
C ALA A 198 -2.95 -21.45 15.20
N SER A 199 -4.25 -21.75 15.22
CA SER A 199 -5.02 -21.62 16.45
C SER A 199 -4.50 -22.63 17.46
N SER A 200 -4.90 -22.47 18.71
CA SER A 200 -4.35 -23.28 19.81
C SER A 200 -5.37 -24.21 20.47
N PRO A 216 -13.86 -24.10 16.97
CA PRO A 216 -14.32 -22.84 16.37
C PRO A 216 -13.53 -21.62 16.88
N TYR A 217 -12.25 -21.54 16.50
CA TYR A 217 -11.39 -20.36 16.72
C TYR A 217 -10.80 -20.17 18.12
N GLY A 218 -11.62 -19.78 19.09
CA GLY A 218 -11.09 -19.47 20.41
C GLY A 218 -10.97 -17.97 20.59
N GLU A 219 -11.00 -17.51 21.85
CA GLU A 219 -11.15 -16.09 22.16
C GLU A 219 -10.21 -15.14 21.43
N LEU A 220 -8.91 -15.42 21.46
CA LEU A 220 -7.91 -14.50 20.89
C LEU A 220 -8.01 -14.35 19.37
N GLU A 221 -8.23 -15.46 18.68
CA GLU A 221 -8.47 -15.44 17.23
C GLU A 221 -9.81 -14.82 16.86
N LYS A 222 -10.81 -14.89 17.75
CA LYS A 222 -12.08 -14.23 17.47
C LYS A 222 -11.90 -12.71 17.48
N GLN A 223 -10.97 -12.24 18.30
CA GLN A 223 -10.76 -10.82 18.51
C GLN A 223 -9.86 -10.25 17.43
N LEU A 224 -8.85 -11.02 17.07
CA LEU A 224 -7.97 -10.68 15.96
C LEU A 224 -8.77 -10.42 14.67
N LEU A 225 -9.68 -11.33 14.32
CA LEU A 225 -10.54 -11.17 13.15
C LEU A 225 -11.51 -9.98 13.26
N GLN A 226 -11.57 -9.34 14.42
CA GLN A 226 -12.43 -8.17 14.60
C GLN A 226 -11.68 -6.84 14.50
N ALA A 227 -10.36 -6.87 14.53
CA ALA A 227 -9.57 -5.64 14.57
C ALA A 227 -9.79 -4.74 13.35
N ASN A 228 -9.62 -5.31 12.16
CA ASN A 228 -9.85 -4.57 10.93
C ASN A 228 -11.28 -4.07 10.69
N PRO A 229 -12.30 -4.89 10.98
CA PRO A 229 -13.65 -4.30 10.99
C PRO A 229 -13.78 -3.05 11.89
N ILE A 230 -13.16 -3.03 13.07
CA ILE A 230 -13.15 -1.83 13.92
C ILE A 230 -12.35 -0.66 13.29
N LEU A 231 -11.09 -0.92 12.96
CA LEU A 231 -10.22 0.09 12.39
C LEU A 231 -10.77 0.69 11.10
N GLU A 232 -11.40 -0.13 10.25
CA GLU A 232 -11.94 0.38 8.99
C GLU A 232 -13.14 1.30 9.17
N ALA A 233 -13.97 1.02 10.17
CA ALA A 233 -15.07 1.92 10.47
C ALA A 233 -14.56 3.33 10.78
N PHE A 234 -13.42 3.43 11.47
CA PHE A 234 -12.85 4.72 11.86
C PHE A 234 -11.78 5.29 10.91
N GLY A 235 -11.21 4.44 10.07
CA GLY A 235 -10.12 4.88 9.21
C GLY A 235 -10.38 4.89 7.72
N ASN A 236 -11.44 4.22 7.29
CA ASN A 236 -11.78 4.12 5.85
C ASN A 236 -12.87 5.10 5.41
N ALA A 237 -12.92 5.37 4.11
CA ALA A 237 -13.91 6.31 3.58
C ALA A 237 -14.25 5.96 2.13
N LYS A 238 -15.40 6.42 1.65
CA LYS A 238 -15.75 6.18 0.27
C LYS A 238 -15.04 7.20 -0.57
N THR A 239 -14.37 6.73 -1.61
CA THR A 239 -13.51 7.56 -2.42
C THR A 239 -13.91 7.33 -3.87
N VAL A 240 -13.40 8.13 -4.80
CA VAL A 240 -13.77 7.95 -6.20
C VAL A 240 -13.25 6.60 -6.76
N LYS A 241 -12.07 6.19 -6.32
CA LYS A 241 -11.46 4.96 -6.80
C LYS A 241 -11.84 3.66 -6.04
N ASN A 242 -12.23 3.79 -4.78
CA ASN A 242 -12.46 2.64 -3.91
C ASN A 242 -13.58 2.99 -2.93
N ASP A 243 -14.65 2.20 -2.92
CA ASP A 243 -15.75 2.46 -1.99
C ASP A 243 -15.41 2.13 -0.53
N ASN A 244 -14.28 1.45 -0.32
CA ASN A 244 -13.78 1.21 1.01
C ASN A 244 -12.29 1.54 1.09
N SER A 245 -11.92 2.75 0.71
CA SER A 245 -10.51 3.16 0.72
C SER A 245 -9.91 3.27 2.11
N SER A 246 -8.79 2.60 2.31
CA SER A 246 -7.98 2.80 3.51
C SER A 246 -7.32 4.17 3.48
N ARG A 247 -7.68 5.01 4.44
CA ARG A 247 -7.07 6.34 4.56
C ARG A 247 -5.95 6.35 5.63
N PHE A 248 -5.44 5.17 5.94
CA PHE A 248 -4.25 5.04 6.77
C PHE A 248 -3.48 3.85 6.25
N GLY A 249 -2.19 3.76 6.59
CA GLY A 249 -1.41 2.58 6.29
C GLY A 249 -1.30 1.76 7.56
N LYS A 250 -1.12 0.46 7.44
CA LYS A 250 -1.07 -0.34 8.64
C LYS A 250 -0.08 -1.48 8.48
N PHE A 251 0.49 -1.90 9.59
CA PHE A 251 1.41 -3.02 9.63
C PHE A 251 1.00 -3.88 10.83
N ILE A 252 0.66 -5.14 10.56
CA ILE A 252 0.09 -6.00 11.59
C ILE A 252 1.10 -7.07 11.97
N ARG A 253 1.58 -7.04 13.21
CA ARG A 253 2.52 -8.04 13.70
C ARG A 253 1.77 -9.16 14.40
N ILE A 254 1.86 -10.40 13.90
CA ILE A 254 1.30 -11.54 14.62
C ILE A 254 2.39 -12.37 15.31
N ASN A 255 2.25 -12.58 16.63
CA ASN A 255 3.27 -13.26 17.47
C ASN A 255 2.99 -14.73 17.79
N PHE A 256 4.02 -15.57 17.67
CA PHE A 256 3.89 -17.03 17.79
C PHE A 256 4.82 -17.63 18.82
N ASP A 257 4.50 -18.86 19.23
CA ASP A 257 5.40 -19.71 20.02
C ASP A 257 6.57 -20.25 19.27
N VAL A 258 7.32 -21.10 19.96
CA VAL A 258 8.29 -21.99 19.35
C VAL A 258 7.58 -23.09 18.55
N THR A 259 6.31 -23.32 18.89
CA THR A 259 5.51 -24.43 18.37
C THR A 259 4.66 -23.99 17.19
N GLY A 260 4.46 -22.69 17.07
CA GLY A 260 3.67 -22.12 15.97
C GLY A 260 2.25 -21.72 16.34
N TYR A 261 1.97 -21.58 17.64
CA TYR A 261 0.66 -21.14 18.10
C TYR A 261 0.60 -19.63 18.27
N ILE A 262 -0.47 -19.02 17.77
CA ILE A 262 -0.68 -17.58 17.89
C ILE A 262 -0.80 -17.19 19.37
N VAL A 263 -0.01 -16.21 19.77
CA VAL A 263 0.11 -15.86 21.18
C VAL A 263 -0.36 -14.42 21.43
N GLY A 264 -0.27 -13.58 20.39
CA GLY A 264 -0.71 -12.19 20.48
C GLY A 264 -0.55 -11.47 19.16
N ALA A 265 -0.87 -10.18 19.15
CA ALA A 265 -0.71 -9.37 17.94
C ALA A 265 -0.59 -7.89 18.27
N ASN A 266 -0.04 -7.11 17.35
CA ASN A 266 0.07 -5.68 17.53
C ASN A 266 -0.03 -4.93 16.20
N ILE A 267 -0.72 -3.79 16.18
CA ILE A 267 -0.95 -3.03 14.95
C ILE A 267 -0.39 -1.61 15.02
N GLU A 268 0.35 -1.21 14.00
CA GLU A 268 0.79 0.18 13.88
C GLU A 268 0.07 0.80 12.69
N THR A 269 -0.27 2.08 12.80
CA THR A 269 -0.92 2.78 11.72
C THR A 269 -0.08 3.98 11.33
N TYR A 270 -0.21 4.35 10.06
CA TYR A 270 0.59 5.42 9.45
C TYR A 270 -0.28 6.38 8.65
N LEU A 271 0.02 7.66 8.75
CA LEU A 271 -0.55 8.65 7.87
C LEU A 271 -2.08 8.66 7.83
N LEU A 272 -2.73 8.77 8.98
CA LEU A 272 -4.16 8.96 8.95
C LEU A 272 -4.43 10.26 8.22
N GLU A 273 -5.36 10.21 7.28
CA GLU A 273 -5.77 11.40 6.57
C GLU A 273 -6.71 12.23 7.44
N LYS A 274 -6.12 12.89 8.42
CA LYS A 274 -6.82 13.72 9.38
C LYS A 274 -7.82 14.67 8.73
N SER A 275 -7.40 15.31 7.63
CA SER A 275 -8.13 16.42 7.04
C SER A 275 -9.44 16.03 6.33
N ARG A 276 -9.58 14.75 6.01
CA ARG A 276 -10.84 14.24 5.50
C ARG A 276 -12.02 14.50 6.45
N ALA A 277 -11.75 14.69 7.74
CA ALA A 277 -12.82 14.92 8.72
C ALA A 277 -13.50 16.28 8.54
N ILE A 278 -12.81 17.20 7.85
CA ILE A 278 -13.23 18.59 7.66
C ILE A 278 -13.95 18.86 6.33
N ARG A 279 -13.48 18.26 5.23
CA ARG A 279 -13.96 18.56 3.87
C ARG A 279 -13.71 17.38 2.95
N GLN A 280 -14.60 17.15 2.00
CA GLN A 280 -14.43 16.03 1.07
C GLN A 280 -14.71 16.49 -0.34
N ALA A 281 -14.00 15.90 -1.30
CA ALA A 281 -14.15 16.27 -2.70
C ALA A 281 -15.46 15.77 -3.25
N LYS A 282 -15.79 16.24 -4.45
CA LYS A 282 -16.99 15.82 -5.16
C LYS A 282 -17.13 14.30 -5.14
N ASP A 283 -18.34 13.81 -4.88
CA ASP A 283 -18.70 12.38 -4.89
C ASP A 283 -18.17 11.54 -3.73
N GLU A 284 -17.39 12.14 -2.83
CA GLU A 284 -16.73 11.38 -1.79
C GLU A 284 -17.37 11.57 -0.41
N ARG A 285 -17.09 10.64 0.49
CA ARG A 285 -17.60 10.67 1.86
C ARG A 285 -16.46 10.87 2.88
N THR A 286 -16.81 11.28 4.10
CA THR A 286 -15.85 11.21 5.23
C THR A 286 -15.70 9.77 5.64
N PHE A 287 -15.04 9.58 6.78
CA PHE A 287 -14.89 8.25 7.34
C PHE A 287 -16.26 7.61 7.59
N HIS A 288 -16.31 6.29 7.40
CA HIS A 288 -17.54 5.52 7.57
C HIS A 288 -18.34 5.82 8.83
N ILE A 289 -17.67 5.79 9.99
CA ILE A 289 -18.33 5.94 11.29
C ILE A 289 -19.33 7.10 11.41
N PHE A 290 -19.07 8.23 10.75
CA PHE A 290 -20.02 9.35 10.77
C PHE A 290 -21.37 9.00 10.12
N TYR A 291 -21.34 8.24 9.05
CA TYR A 291 -22.60 7.84 8.42
C TYR A 291 -23.25 6.68 9.18
N TYR A 292 -22.43 5.82 9.80
CA TYR A 292 -22.96 4.71 10.60
C TYR A 292 -23.77 5.20 11.80
N LEU A 293 -23.21 6.16 12.51
CA LEU A 293 -23.80 6.69 13.75
C LEU A 293 -25.09 7.46 13.49
N ILE A 294 -25.07 8.34 12.48
CA ILE A 294 -26.20 9.23 12.17
C ILE A 294 -27.37 8.42 11.63
N ALA A 295 -27.05 7.38 10.88
CA ALA A 295 -28.06 6.55 10.24
C ALA A 295 -28.56 5.42 11.13
N GLY A 296 -27.84 5.12 12.21
CA GLY A 296 -28.10 3.90 12.96
C GLY A 296 -28.29 4.06 14.45
N ALA A 297 -28.16 5.28 14.95
CA ALA A 297 -28.37 5.54 16.37
C ALA A 297 -29.82 5.27 16.80
N SER A 298 -29.99 4.66 17.98
CA SER A 298 -31.31 4.56 18.59
C SER A 298 -31.85 5.96 18.90
N GLU A 299 -33.14 6.07 19.20
CA GLU A 299 -33.71 7.37 19.53
C GLU A 299 -33.07 7.90 20.81
N GLN A 300 -32.78 6.98 21.72
CA GLN A 300 -32.10 7.33 22.97
C GLN A 300 -30.75 7.97 22.69
N MET A 301 -29.94 7.29 21.90
CA MET A 301 -28.61 7.75 21.53
C MET A 301 -28.63 9.08 20.77
N ARG A 302 -29.52 9.17 19.80
CA ARG A 302 -29.74 10.39 19.05
C ARG A 302 -29.91 11.59 19.97
N ASN A 303 -30.61 11.40 21.09
CA ASN A 303 -30.78 12.48 22.06
C ASN A 303 -29.53 12.74 22.89
N ASP A 304 -28.99 11.67 23.47
CA ASP A 304 -27.83 11.76 24.35
C ASP A 304 -26.66 12.50 23.70
N LEU A 305 -26.44 12.23 22.42
CA LEU A 305 -25.25 12.74 21.74
C LEU A 305 -25.51 13.95 20.86
N LEU A 306 -26.69 14.55 21.00
CA LEU A 306 -27.07 15.76 20.24
C LEU A 306 -26.92 15.64 18.72
N LEU A 307 -27.28 14.49 18.18
CA LEU A 307 -27.16 14.22 16.74
C LEU A 307 -28.23 14.93 15.96
N GLU A 308 -27.94 15.28 14.70
CA GLU A 308 -28.93 15.99 13.90
C GLU A 308 -28.94 15.80 12.38
N GLY A 309 -28.75 14.59 11.90
CA GLY A 309 -29.09 14.33 10.51
C GLY A 309 -28.18 14.88 9.41
N PHE A 310 -28.23 14.20 8.27
CA PHE A 310 -27.25 14.36 7.21
C PHE A 310 -27.04 15.73 6.61
N ASN A 311 -28.10 16.51 6.42
CA ASN A 311 -27.95 17.84 5.82
C ASN A 311 -27.59 18.92 6.84
N ASN A 312 -27.38 18.55 8.09
CA ASN A 312 -27.15 19.55 9.12
C ASN A 312 -25.70 19.75 9.54
N TYR A 313 -24.76 19.29 8.74
CA TYR A 313 -23.37 19.32 9.16
C TYR A 313 -22.41 19.83 8.09
N THR A 314 -21.95 21.06 8.28
CA THR A 314 -20.93 21.67 7.42
C THR A 314 -19.76 20.74 7.10
N PHE A 315 -19.40 19.86 8.03
CA PHE A 315 -18.29 18.93 7.79
C PHE A 315 -18.67 17.76 6.87
N LEU A 316 -19.95 17.54 6.62
CA LEU A 316 -20.35 16.55 5.61
C LEU A 316 -20.65 17.27 4.29
N SER A 317 -19.61 17.48 3.47
CA SER A 317 -19.72 18.30 2.27
C SER A 317 -20.83 17.92 1.29
N ASN A 318 -21.01 16.62 1.06
CA ASN A 318 -22.01 16.15 0.10
C ASN A 318 -23.21 15.46 0.76
N GLY A 319 -23.39 15.70 2.06
CA GLY A 319 -24.45 15.06 2.82
C GLY A 319 -24.46 13.55 2.66
N HIS A 320 -25.62 12.93 2.85
CA HIS A 320 -25.73 11.49 2.69
C HIS A 320 -25.43 11.04 1.25
N VAL A 321 -24.36 10.28 1.07
CA VAL A 321 -24.15 9.63 -0.23
C VAL A 321 -24.00 8.16 0.04
N PRO A 322 -24.64 7.32 -0.79
CA PRO A 322 -24.76 5.90 -0.48
C PRO A 322 -23.55 5.10 -0.93
N ILE A 323 -23.28 4.00 -0.22
CA ILE A 323 -22.34 3.01 -0.71
C ILE A 323 -23.17 1.84 -1.22
N PRO A 324 -23.05 1.51 -2.51
CA PRO A 324 -23.88 0.47 -3.11
C PRO A 324 -23.61 -0.91 -2.51
N ALA A 325 -24.68 -1.65 -2.18
CA ALA A 325 -24.60 -2.97 -1.54
C ALA A 325 -24.22 -2.96 -0.04
N GLN A 326 -24.18 -1.77 0.55
CA GLN A 326 -24.09 -1.61 2.01
C GLN A 326 -25.14 -0.60 2.48
N GLN A 327 -25.76 -0.85 3.62
CA GLN A 327 -26.58 0.15 4.29
C GLN A 327 -25.86 0.61 5.55
N ASP A 328 -25.82 1.91 5.78
CA ASP A 328 -25.08 2.44 6.94
C ASP A 328 -25.65 2.01 8.28
N ASP A 329 -26.96 1.82 8.38
CA ASP A 329 -27.55 1.36 9.65
C ASP A 329 -27.17 -0.09 9.97
N GLU A 330 -27.12 -0.94 8.96
CA GLU A 330 -26.69 -2.31 9.19
C GLU A 330 -25.21 -2.32 9.58
N MET A 331 -24.44 -1.47 8.90
CA MET A 331 -23.01 -1.38 9.17
C MET A 331 -22.74 -0.89 10.59
N PHE A 332 -23.60 0.01 11.07
CA PHE A 332 -23.49 0.50 12.43
C PHE A 332 -23.56 -0.69 13.35
N GLN A 333 -24.47 -1.61 13.06
CA GLN A 333 -24.66 -2.78 13.91
C GLN A 333 -23.45 -3.71 13.89
N GLU A 334 -22.88 -3.96 12.72
CA GLU A 334 -21.68 -4.79 12.63
C GLU A 334 -20.54 -4.17 13.44
N THR A 335 -20.45 -2.84 13.43
CA THR A 335 -19.36 -2.16 14.12
C THR A 335 -19.50 -2.20 15.65
N LEU A 336 -20.73 -2.08 16.17
CA LEU A 336 -20.96 -2.25 17.61
C LEU A 336 -20.66 -3.68 18.05
N GLU A 337 -21.08 -4.65 17.24
CA GLU A 337 -20.79 -6.05 17.52
C GLU A 337 -19.30 -6.33 17.56
N ALA A 338 -18.56 -5.75 16.62
CA ALA A 338 -17.12 -5.97 16.58
C ALA A 338 -16.44 -5.39 17.81
N MET A 339 -16.84 -4.18 18.18
CA MET A 339 -16.32 -3.56 19.40
C MET A 339 -16.70 -4.37 20.65
N THR A 340 -17.83 -5.06 20.60
CA THR A 340 -18.26 -5.86 21.73
C THR A 340 -17.46 -7.15 21.84
N ILE A 341 -17.22 -7.83 20.73
CA ILE A 341 -16.34 -9.00 20.71
C ILE A 341 -14.92 -8.63 21.16
N MET A 342 -14.50 -7.39 20.89
CA MET A 342 -13.13 -6.96 21.22
C MET A 342 -12.95 -6.69 22.72
N GLY A 343 -14.07 -6.49 23.42
CA GLY A 343 -14.01 -6.31 24.86
C GLY A 343 -14.27 -4.88 25.27
N PHE A 344 -14.71 -4.05 24.33
CA PHE A 344 -15.02 -2.66 24.64
C PHE A 344 -16.29 -2.62 25.50
N THR A 345 -16.20 -2.05 26.70
CA THR A 345 -17.37 -1.89 27.58
C THR A 345 -18.40 -1.00 26.92
N GLU A 346 -19.66 -1.08 27.35
CA GLU A 346 -20.71 -0.27 26.73
C GLU A 346 -20.46 1.23 26.90
N GLU A 347 -19.83 1.57 28.01
CA GLU A 347 -19.59 2.95 28.33
C GLU A 347 -18.48 3.47 27.44
N GLU A 348 -17.54 2.58 27.12
CA GLU A 348 -16.42 2.87 26.21
C GLU A 348 -16.95 3.12 24.79
N GLN A 349 -17.83 2.25 24.33
CA GLN A 349 -18.46 2.45 23.03
C GLN A 349 -19.21 3.76 22.96
N THR A 350 -19.89 4.12 24.04
CA THR A 350 -20.70 5.35 24.05
C THR A 350 -19.81 6.58 24.10
N SER A 351 -18.68 6.48 24.80
CA SER A 351 -17.78 7.61 24.90
C SER A 351 -17.15 7.90 23.54
N ILE A 352 -16.79 6.85 22.81
CA ILE A 352 -16.26 6.97 21.45
C ILE A 352 -17.24 7.71 20.56
N LEU A 353 -18.49 7.26 20.55
CA LEU A 353 -19.51 7.87 19.70
C LEU A 353 -19.81 9.33 20.08
N ARG A 354 -19.69 9.64 21.37
CA ARG A 354 -19.85 11.02 21.85
C ARG A 354 -18.77 11.92 21.26
N VAL A 355 -17.57 11.38 21.07
CA VAL A 355 -16.49 12.13 20.44
C VAL A 355 -16.72 12.30 18.96
N VAL A 356 -17.20 11.25 18.29
CA VAL A 356 -17.49 11.33 16.87
C VAL A 356 -18.49 12.45 16.61
N SER A 357 -19.51 12.50 17.46
CA SER A 357 -20.54 13.51 17.37
C SER A 357 -20.00 14.92 17.60
N SER A 358 -19.10 15.09 18.57
CA SER A 358 -18.58 16.42 18.88
C SER A 358 -17.70 16.94 17.76
N VAL A 359 -17.08 16.03 16.99
CA VAL A 359 -16.25 16.43 15.86
C VAL A 359 -17.15 17.10 14.81
N LEU A 360 -18.37 16.59 14.66
CA LEU A 360 -19.32 17.16 13.70
C LEU A 360 -19.85 18.50 14.21
N GLN A 361 -20.01 18.61 15.52
CA GLN A 361 -20.54 19.84 16.09
C GLN A 361 -19.58 21.02 15.96
N LEU A 362 -18.28 20.76 16.11
CA LEU A 362 -17.27 21.80 15.99
C LEU A 362 -17.45 22.48 14.65
N GLY A 363 -17.87 21.71 13.65
CA GLY A 363 -18.01 22.20 12.31
C GLY A 363 -19.21 23.07 12.07
N ASN A 364 -20.10 23.17 13.07
CA ASN A 364 -21.28 23.98 12.91
C ASN A 364 -21.14 25.37 13.52
N ILE A 365 -20.02 25.63 14.19
CA ILE A 365 -19.72 26.96 14.71
C ILE A 365 -19.43 27.99 13.61
N VAL A 366 -20.05 29.15 13.70
CA VAL A 366 -19.84 30.25 12.75
C VAL A 366 -19.28 31.49 13.43
N PHE A 367 -18.18 32.02 12.89
CA PHE A 367 -17.65 33.32 13.32
C PHE A 367 -17.96 34.39 12.27
N LYS A 368 -18.47 35.53 12.72
CA LYS A 368 -18.56 36.74 11.90
C LYS A 368 -17.46 37.66 12.36
N LYS A 369 -17.44 38.87 11.80
CA LYS A 369 -16.52 39.91 12.24
C LYS A 369 -17.27 41.04 12.92
N GLU A 370 -16.58 41.76 13.79
CA GLU A 370 -17.13 42.99 14.38
C GLU A 370 -17.20 44.02 13.27
N ARG A 371 -18.09 45.01 13.38
CA ARG A 371 -18.25 45.99 12.31
C ARG A 371 -16.92 46.71 12.06
N ASN A 372 -16.48 46.70 10.79
CA ASN A 372 -15.24 47.35 10.35
C ASN A 372 -13.94 46.92 11.05
N THR A 373 -13.84 45.66 11.45
CA THR A 373 -12.60 45.15 11.99
C THR A 373 -12.43 43.76 11.40
N ASP A 374 -11.33 43.12 11.76
CA ASP A 374 -11.16 41.72 11.40
C ASP A 374 -11.41 40.76 12.56
N GLN A 375 -11.63 41.31 13.76
CA GLN A 375 -11.85 40.52 14.98
C GLN A 375 -13.04 39.58 14.90
N ALA A 376 -12.80 38.30 15.16
CA ALA A 376 -13.85 37.30 15.19
C ALA A 376 -14.91 37.51 16.29
N SER A 377 -16.16 37.25 15.96
CA SER A 377 -17.26 37.29 16.93
C SER A 377 -18.14 36.05 16.79
N MET A 378 -18.74 35.59 17.88
CA MET A 378 -19.64 34.44 17.76
C MET A 378 -21.08 34.82 18.14
N PRO A 379 -21.83 35.38 17.18
CA PRO A 379 -23.18 35.88 17.42
C PRO A 379 -24.14 34.77 17.82
N ASP A 380 -24.10 33.65 17.11
CA ASP A 380 -24.87 32.50 17.55
C ASP A 380 -24.01 31.65 18.45
N ASN A 381 -24.64 31.05 19.44
CA ASN A 381 -23.93 30.54 20.59
C ASN A 381 -24.18 29.04 20.68
N THR A 382 -25.15 28.58 19.89
CA THR A 382 -25.73 27.23 20.01
C THR A 382 -24.77 26.05 19.75
N ALA A 383 -24.07 26.08 18.62
CA ALA A 383 -23.06 25.07 18.31
C ALA A 383 -22.02 24.95 19.42
N ALA A 384 -21.47 26.10 19.85
CA ALA A 384 -20.48 26.12 20.91
C ALA A 384 -21.03 25.50 22.20
N GLN A 385 -22.31 25.73 22.46
CA GLN A 385 -22.95 25.13 23.64
C GLN A 385 -23.08 23.62 23.53
N LYS A 386 -23.57 23.14 22.39
CA LYS A 386 -23.68 21.69 22.21
C LYS A 386 -22.33 20.98 22.30
N VAL A 387 -21.31 21.51 21.62
CA VAL A 387 -20.02 20.84 21.60
C VAL A 387 -19.34 20.83 22.98
N CYS A 388 -19.48 21.91 23.75
CA CYS A 388 -18.92 21.94 25.09
C CYS A 388 -19.65 20.97 25.98
N HIS A 389 -20.95 20.77 25.73
CA HIS A 389 -21.70 19.79 26.48
C HIS A 389 -21.06 18.42 26.28
N LEU A 390 -20.83 18.05 25.01
CA LEU A 390 -20.26 16.75 24.66
C LEU A 390 -18.79 16.61 25.08
N MET A 391 -18.06 17.72 25.09
CA MET A 391 -16.63 17.68 25.41
C MET A 391 -16.32 17.85 26.90
N GLY A 392 -17.33 18.25 27.68
CA GLY A 392 -17.19 18.36 29.12
C GLY A 392 -16.38 19.55 29.59
N ILE A 393 -16.51 20.66 28.88
CA ILE A 393 -15.83 21.87 29.28
C ILE A 393 -16.84 23.04 29.34
N ASN A 394 -16.33 24.22 29.62
CA ASN A 394 -17.13 25.38 29.94
C ASN A 394 -17.24 26.32 28.74
N VAL A 395 -18.45 26.47 28.23
CA VAL A 395 -18.68 27.20 27.00
C VAL A 395 -18.15 28.62 27.03
N THR A 396 -18.14 29.27 28.19
CA THR A 396 -17.64 30.63 28.17
C THR A 396 -16.11 30.67 28.29
N ASP A 397 -15.53 29.66 28.92
CA ASP A 397 -14.07 29.51 28.88
C ASP A 397 -13.61 29.10 27.48
N PHE A 398 -14.37 28.19 26.87
CA PHE A 398 -14.14 27.78 25.50
C PHE A 398 -14.17 28.97 24.54
N THR A 399 -15.18 29.82 24.69
CA THR A 399 -15.31 30.99 23.81
C THR A 399 -14.14 31.94 23.99
N ARG A 400 -13.85 32.29 25.23
CA ARG A 400 -12.73 33.18 25.56
C ARG A 400 -11.40 32.65 24.99
N SER A 401 -11.21 31.33 25.08
CA SER A 401 -10.02 30.66 24.54
C SER A 401 -9.88 30.79 23.04
N ILE A 402 -10.98 30.62 22.30
CA ILE A 402 -10.93 30.74 20.86
C ILE A 402 -10.76 32.17 20.37
N LEU A 403 -11.43 33.12 21.03
CA LEU A 403 -11.46 34.50 20.58
C LEU A 403 -10.36 35.40 21.17
N THR A 404 -10.01 35.16 22.45
CA THR A 404 -9.05 36.00 23.18
C THR A 404 -8.01 35.20 23.97
N PRO A 405 -7.17 34.42 23.28
CA PRO A 405 -6.16 33.55 23.92
C PRO A 405 -5.12 34.30 24.73
N ARG A 406 -4.86 33.81 25.94
CA ARG A 406 -3.74 34.30 26.73
C ARG A 406 -2.47 33.66 26.20
N ILE A 407 -1.50 34.48 25.83
CA ILE A 407 -0.22 33.97 25.33
C ILE A 407 0.97 34.37 26.19
N LYS A 408 1.61 33.38 26.80
CA LYS A 408 2.81 33.64 27.61
C LYS A 408 3.94 34.07 26.67
N VAL A 409 4.55 35.22 26.94
CA VAL A 409 5.52 35.79 26.01
C VAL A 409 6.72 36.46 26.74
N GLY A 410 6.98 36.01 27.96
CA GLY A 410 8.10 36.52 28.74
C GLY A 410 7.72 37.77 29.48
N ALA A 411 8.17 38.92 28.96
CA ALA A 411 7.76 40.22 29.49
C ALA A 411 6.26 40.43 29.34
N ALA A 412 5.52 39.83 30.28
CA ALA A 412 4.05 39.84 30.38
C ALA A 412 3.35 38.77 29.55
N VAL A 413 2.02 38.82 29.59
CA VAL A 413 1.16 37.86 28.92
C VAL A 413 0.27 38.60 27.93
N VAL A 414 0.52 38.41 26.63
CA VAL A 414 -0.29 39.05 25.59
C VAL A 414 -1.67 38.36 25.45
N GLU A 415 -2.73 39.16 25.38
CA GLU A 415 -4.08 38.63 25.25
C GLU A 415 -4.73 39.25 24.03
N LYS A 416 -4.25 38.87 22.85
CA LYS A 416 -4.69 39.47 21.59
C LYS A 416 -5.98 38.83 21.09
N ALA A 417 -6.84 39.62 20.45
CA ALA A 417 -8.06 39.10 19.83
C ALA A 417 -7.79 38.51 18.44
N GLN A 418 -8.54 37.47 18.10
CA GLN A 418 -8.31 36.70 16.88
C GLN A 418 -9.17 37.15 15.71
N THR A 419 -8.63 37.04 14.51
CA THR A 419 -9.43 37.34 13.33
C THR A 419 -10.36 36.16 13.01
N LYS A 420 -11.40 36.41 12.23
CA LYS A 420 -12.29 35.34 11.79
C LYS A 420 -11.49 34.21 11.12
N GLU A 421 -10.47 34.58 10.37
CA GLU A 421 -9.64 33.57 9.72
C GLU A 421 -8.91 32.73 10.75
N GLN A 422 -8.51 33.37 11.84
CA GLN A 422 -7.75 32.66 12.86
C GLN A 422 -8.61 31.71 13.68
N ALA A 423 -9.85 32.11 13.97
CA ALA A 423 -10.73 31.29 14.79
C ALA A 423 -11.21 30.09 13.98
N ASP A 424 -11.44 30.31 12.69
CA ASP A 424 -11.80 29.22 11.77
C ASP A 424 -10.72 28.17 11.65
N PHE A 425 -9.49 28.61 11.35
CA PHE A 425 -8.35 27.69 11.32
C PHE A 425 -8.22 26.90 12.66
N ALA A 426 -8.32 27.59 13.80
CA ALA A 426 -8.15 26.95 15.10
C ALA A 426 -9.18 25.84 15.36
N ILE A 427 -10.44 26.14 15.04
CA ILE A 427 -11.52 25.18 15.16
C ILE A 427 -11.31 23.98 14.24
N GLU A 428 -10.73 24.20 13.07
CA GLU A 428 -10.52 23.13 12.09
C GLU A 428 -9.33 22.26 12.49
N ALA A 429 -8.25 22.90 12.95
CA ALA A 429 -7.09 22.20 13.51
C ALA A 429 -7.53 21.35 14.69
N LEU A 430 -8.49 21.85 15.45
CA LEU A 430 -8.97 21.13 16.63
C LEU A 430 -9.82 19.92 16.26
N ALA A 431 -10.62 20.03 15.21
CA ALA A 431 -11.46 18.88 14.85
C ALA A 431 -10.59 17.79 14.28
N LYS A 432 -9.62 18.16 13.47
CA LYS A 432 -8.67 17.20 12.92
C LYS A 432 -7.88 16.50 14.05
N ALA A 433 -7.26 17.29 14.93
CA ALA A 433 -6.50 16.76 16.05
C ALA A 433 -7.35 15.86 16.96
N LYS A 434 -8.59 16.29 17.18
CA LYS A 434 -9.55 15.56 18.03
C LYS A 434 -9.79 14.17 17.47
N PHE A 435 -9.98 14.09 16.16
CA PHE A 435 -10.31 12.82 15.55
C PHE A 435 -9.08 11.92 15.42
N GLU A 436 -7.91 12.50 15.20
CA GLU A 436 -6.70 11.70 15.10
C GLU A 436 -6.44 11.06 16.43
N ARG A 437 -6.64 11.82 17.50
CA ARG A 437 -6.44 11.30 18.84
C ARG A 437 -7.42 10.18 19.16
N LEU A 438 -8.66 10.32 18.68
CA LEU A 438 -9.65 9.26 18.86
C LEU A 438 -9.25 7.96 18.17
N PHE A 439 -8.73 8.05 16.95
CA PHE A 439 -8.26 6.86 16.21
C PHE A 439 -7.11 6.18 16.95
N ARG A 440 -6.19 6.98 17.49
CA ARG A 440 -5.02 6.45 18.20
C ARG A 440 -5.43 5.77 19.52
N TRP A 441 -6.50 6.29 20.11
CA TRP A 441 -7.02 5.69 21.33
C TRP A 441 -7.68 4.34 21.05
N ILE A 442 -8.41 4.26 19.95
CA ILE A 442 -9.08 3.04 19.58
C ILE A 442 -8.02 2.00 19.20
N LEU A 443 -6.98 2.45 18.52
CA LEU A 443 -5.86 1.58 18.16
C LEU A 443 -5.13 1.03 19.41
N THR A 444 -4.86 1.88 20.40
CA THR A 444 -4.20 1.43 21.64
C THR A 444 -5.01 0.40 22.42
N ARG A 445 -6.33 0.58 22.47
CA ARG A 445 -7.20 -0.36 23.19
C ARG A 445 -7.44 -1.64 22.39
N VAL A 446 -7.35 -1.56 21.07
CA VAL A 446 -7.41 -2.79 20.27
C VAL A 446 -6.15 -3.59 20.59
N ASN A 447 -5.01 -2.91 20.57
CA ASN A 447 -3.73 -3.51 20.91
C ASN A 447 -3.66 -4.07 22.32
N LYS A 448 -4.32 -3.43 23.28
CA LYS A 448 -4.24 -3.92 24.66
C LYS A 448 -5.07 -5.21 24.78
N ALA A 449 -6.21 -5.27 24.10
CA ALA A 449 -6.98 -6.51 24.00
C ALA A 449 -6.27 -7.61 23.22
N LEU A 450 -5.26 -7.28 22.44
CA LEU A 450 -4.64 -8.29 21.59
C LEU A 450 -3.25 -8.71 22.11
N ASP A 451 -2.70 -7.93 23.04
CA ASP A 451 -1.41 -8.25 23.66
C ASP A 451 -1.61 -8.49 25.15
N LYS A 452 -2.78 -9.06 25.49
CA LYS A 452 -3.27 -9.21 26.85
C LYS A 452 -2.48 -10.23 27.65
N THR A 453 -1.91 -11.21 26.95
CA THR A 453 -1.23 -12.33 27.59
C THR A 453 0.19 -11.99 28.07
N LYS A 454 0.64 -10.78 27.76
CA LYS A 454 2.01 -10.32 28.03
C LYS A 454 3.12 -11.24 27.53
N ARG A 455 2.76 -12.21 26.68
CA ARG A 455 3.76 -13.03 26.03
C ARG A 455 4.10 -12.44 24.67
N GLN A 456 5.40 -12.30 24.42
CA GLN A 456 5.91 -11.68 23.22
C GLN A 456 6.32 -12.74 22.19
N GLY A 457 6.22 -14.01 22.59
CA GLY A 457 6.45 -15.12 21.69
C GLY A 457 7.89 -15.32 21.24
N ALA A 458 8.10 -16.33 20.40
CA ALA A 458 9.43 -16.59 19.88
C ALA A 458 9.69 -15.83 18.58
N SER A 459 8.64 -15.69 17.77
CA SER A 459 8.78 -15.14 16.43
C SER A 459 7.55 -14.33 16.02
N PHE A 460 7.66 -13.61 14.90
CA PHE A 460 6.49 -12.93 14.36
C PHE A 460 6.35 -13.06 12.85
N LEU A 461 5.16 -12.71 12.35
CA LEU A 461 4.89 -12.65 10.94
C LEU A 461 4.17 -11.33 10.71
N GLY A 462 4.82 -10.41 10.03
CA GLY A 462 4.23 -9.09 9.84
C GLY A 462 3.53 -8.98 8.51
N ILE A 463 2.39 -8.30 8.49
CA ILE A 463 1.63 -8.07 7.27
C ILE A 463 1.53 -6.56 6.95
N LEU A 464 2.01 -6.16 5.78
CA LEU A 464 2.08 -4.73 5.45
C LEU A 464 1.06 -4.29 4.42
N ASP A 465 0.33 -3.22 4.74
CA ASP A 465 -0.76 -2.73 3.92
C ASP A 465 -0.71 -1.20 3.76
N ILE A 466 0.12 -0.72 2.85
CA ILE A 466 0.36 0.71 2.73
C ILE A 466 0.15 1.21 1.28
N ALA A 467 -0.31 2.45 1.15
CA ALA A 467 -0.73 2.98 -0.15
C ALA A 467 0.41 2.94 -1.12
N GLY A 468 0.09 2.69 -2.38
CA GLY A 468 1.12 2.73 -3.41
C GLY A 468 1.41 4.13 -3.92
N PHE A 469 2.45 4.23 -4.72
CA PHE A 469 2.75 5.45 -5.46
C PHE A 469 1.59 5.82 -6.40
N GLU A 470 1.02 7.01 -6.22
CA GLU A 470 0.03 7.54 -7.16
C GLU A 470 0.26 9.05 -7.37
N ILE A 471 0.07 9.50 -8.61
CA ILE A 471 0.20 10.91 -8.94
C ILE A 471 -1.19 11.53 -9.11
N PHE A 472 -1.46 12.62 -8.41
CA PHE A 472 -2.76 13.26 -8.48
C PHE A 472 -2.70 14.63 -9.19
N GLU A 473 -3.87 15.23 -9.40
CA GLU A 473 -3.94 16.60 -9.92
C GLU A 473 -3.12 17.51 -8.99
N ILE A 474 -3.39 17.43 -7.70
CA ILE A 474 -2.60 18.12 -6.70
C ILE A 474 -1.81 17.09 -5.90
N ASN A 475 -0.52 17.36 -5.70
CA ASN A 475 0.32 16.53 -4.86
C ASN A 475 0.89 17.37 -3.73
N SER A 476 0.50 17.05 -2.49
CA SER A 476 0.93 17.84 -1.36
C SER A 476 1.90 17.09 -0.41
N PHE A 477 2.02 17.60 0.81
CA PHE A 477 2.95 17.07 1.79
C PHE A 477 2.66 15.59 2.09
N GLU A 478 1.39 15.25 2.27
CA GLU A 478 1.00 13.87 2.48
C GLU A 478 1.41 12.94 1.33
N GLN A 479 1.38 13.44 0.08
CA GLN A 479 1.85 12.63 -1.06
C GLN A 479 3.36 12.52 -1.08
N LEU A 480 4.04 13.55 -0.59
CA LEU A 480 5.49 13.47 -0.51
C LEU A 480 5.87 12.32 0.41
N CYS A 481 5.22 12.24 1.57
CA CYS A 481 5.45 11.16 2.54
C CYS A 481 5.11 9.76 2.00
N ILE A 482 3.94 9.60 1.36
CA ILE A 482 3.59 8.35 0.71
C ILE A 482 4.58 7.96 -0.39
N ASN A 483 4.98 8.93 -1.21
CA ASN A 483 5.89 8.64 -2.31
C ASN A 483 7.30 8.32 -1.81
N TYR A 484 7.67 8.96 -0.69
CA TYR A 484 8.92 8.68 0.02
C TYR A 484 8.96 7.25 0.56
N THR A 485 7.85 6.84 1.18
CA THR A 485 7.70 5.50 1.71
C THR A 485 7.83 4.48 0.60
N ASN A 486 7.23 4.76 -0.55
CA ASN A 486 7.41 3.81 -1.65
C ASN A 486 8.79 3.76 -2.30
N GLU A 487 9.59 4.80 -2.14
CA GLU A 487 11.01 4.69 -2.51
C GLU A 487 11.69 3.66 -1.61
N LYS A 488 11.43 3.73 -0.30
CA LYS A 488 12.02 2.78 0.63
C LYS A 488 11.55 1.35 0.33
N LEU A 489 10.24 1.18 0.13
CA LEU A 489 9.67 -0.13 -0.13
C LEU A 489 10.12 -0.74 -1.47
N GLN A 490 10.21 0.07 -2.52
CA GLN A 490 10.60 -0.47 -3.82
C GLN A 490 12.07 -0.86 -3.79
N GLN A 491 12.87 -0.10 -3.04
CA GLN A 491 14.28 -0.41 -2.88
C GLN A 491 14.46 -1.74 -2.14
N LEU A 492 13.60 -2.02 -1.18
CA LEU A 492 13.72 -3.26 -0.42
C LEU A 492 13.43 -4.41 -1.37
N PHE A 493 12.52 -4.16 -2.31
CA PHE A 493 12.19 -5.15 -3.33
C PHE A 493 13.35 -5.41 -4.30
N ASN A 494 13.90 -4.35 -4.91
CA ASN A 494 15.03 -4.52 -5.83
C ASN A 494 16.19 -5.21 -5.12
N HIS A 495 16.44 -4.81 -3.90
CA HIS A 495 17.51 -5.40 -3.13
C HIS A 495 17.26 -6.90 -2.84
N THR A 496 16.06 -7.23 -2.38
CA THR A 496 15.74 -8.63 -2.11
C THR A 496 15.96 -9.54 -3.33
N MET A 497 15.42 -9.16 -4.49
CA MET A 497 15.62 -9.89 -5.72
C MET A 497 17.12 -10.04 -6.00
N PHE A 498 17.87 -8.97 -5.74
CA PHE A 498 19.32 -8.95 -5.95
C PHE A 498 20.05 -9.98 -5.08
N ILE A 499 19.70 -10.05 -3.81
CA ILE A 499 20.33 -11.00 -2.90
C ILE A 499 19.95 -12.44 -3.24
N LEU A 500 18.68 -12.68 -3.57
CA LEU A 500 18.24 -14.02 -3.99
C LEU A 500 18.97 -14.53 -5.24
N GLU A 501 19.08 -13.68 -6.26
CA GLU A 501 19.83 -14.03 -7.47
C GLU A 501 21.30 -14.34 -7.16
N GLN A 502 21.95 -13.42 -6.47
CA GLN A 502 23.36 -13.55 -6.13
C GLN A 502 23.69 -14.84 -5.38
N GLU A 503 22.75 -15.32 -4.56
CA GLU A 503 22.98 -16.54 -3.81
C GLU A 503 22.84 -17.75 -4.71
N GLU A 504 21.88 -17.68 -5.63
CA GLU A 504 21.66 -18.76 -6.60
C GLU A 504 22.88 -18.91 -7.52
N TYR A 505 23.38 -17.78 -8.02
CA TYR A 505 24.59 -17.80 -8.81
C TYR A 505 25.78 -18.31 -8.00
N GLN A 506 25.86 -17.93 -6.73
CA GLN A 506 27.02 -18.32 -5.94
C GLN A 506 27.08 -19.83 -5.72
N ARG A 507 25.92 -20.45 -5.49
CA ARG A 507 25.86 -21.88 -5.22
C ARG A 507 26.00 -22.76 -6.46
N GLU A 508 26.25 -22.16 -7.61
CA GLU A 508 26.26 -22.96 -8.82
C GLU A 508 27.50 -22.68 -9.68
N GLY A 509 28.37 -21.78 -9.23
CA GLY A 509 29.33 -21.18 -10.15
C GLY A 509 28.49 -20.27 -11.03
N ILE A 510 29.09 -19.57 -11.98
CA ILE A 510 28.44 -18.44 -12.67
C ILE A 510 28.32 -17.35 -11.59
N GLU A 511 28.92 -16.16 -11.67
CA GLU A 511 29.30 -15.29 -12.80
C GLU A 511 28.33 -14.13 -12.63
N TRP A 512 28.44 -13.45 -11.48
CA TRP A 512 27.51 -12.40 -11.11
C TRP A 512 28.16 -11.02 -11.18
N ASN A 513 27.88 -10.29 -12.25
CA ASN A 513 28.50 -8.98 -12.46
C ASN A 513 27.54 -7.79 -12.51
N PHE A 514 26.51 -7.80 -11.68
CA PHE A 514 25.62 -6.64 -11.55
C PHE A 514 25.94 -6.00 -10.22
N ILE A 515 25.77 -4.68 -10.12
CA ILE A 515 25.78 -4.00 -8.82
C ILE A 515 24.36 -4.00 -8.24
N ASP A 516 24.25 -3.88 -6.91
CA ASP A 516 22.96 -3.98 -6.20
C ASP A 516 21.84 -3.17 -6.84
N PHE A 517 20.75 -3.88 -7.19
CA PHE A 517 19.61 -3.34 -7.93
C PHE A 517 18.89 -2.18 -7.23
N GLY A 518 19.06 -2.08 -5.91
CA GLY A 518 18.34 -1.09 -5.14
C GLY A 518 19.02 0.25 -5.08
N LEU A 519 20.21 0.34 -5.67
CA LEU A 519 21.06 1.52 -5.55
C LEU A 519 20.59 2.68 -6.42
N ASP A 520 19.78 2.38 -7.44
CA ASP A 520 19.19 3.39 -8.31
C ASP A 520 18.30 4.32 -7.53
N LEU A 521 17.69 3.79 -6.48
CA LEU A 521 16.66 4.56 -5.78
C LEU A 521 17.28 5.48 -4.76
N GLN A 522 18.57 5.27 -4.51
CA GLN A 522 19.26 6.02 -3.46
C GLN A 522 19.36 7.54 -3.67
N PRO A 523 19.66 8.01 -4.90
CA PRO A 523 19.73 9.47 -5.08
C PRO A 523 18.42 10.19 -4.76
N CYS A 524 17.30 9.65 -5.23
CA CYS A 524 15.99 10.20 -4.95
C CYS A 524 15.65 10.14 -3.46
N ILE A 525 15.99 9.04 -2.81
CA ILE A 525 15.80 8.94 -1.37
C ILE A 525 16.62 10.02 -0.68
N GLU A 526 17.84 10.24 -1.16
CA GLU A 526 18.75 11.15 -0.50
C GLU A 526 18.30 12.60 -0.66
N LEU A 527 17.64 12.88 -1.77
CA LEU A 527 17.15 14.20 -2.04
C LEU A 527 16.09 14.56 -0.99
N ILE A 528 15.38 13.54 -0.49
CA ILE A 528 14.32 13.76 0.47
C ILE A 528 14.76 13.72 1.93
N GLU A 529 15.57 12.71 2.28
CA GLU A 529 15.83 12.40 3.69
C GLU A 529 17.22 12.77 4.22
N ARG A 530 18.09 13.33 3.38
CA ARG A 530 19.41 13.68 3.85
C ARG A 530 19.39 14.88 4.80
N PRO A 531 19.93 14.68 6.02
CA PRO A 531 20.09 15.68 7.09
C PRO A 531 20.89 16.90 6.67
N THR A 532 22.17 16.70 6.33
CA THR A 532 23.06 17.80 5.97
C THR A 532 23.86 17.49 4.72
N ASN A 533 25.07 18.04 4.65
CA ASN A 533 25.85 18.08 3.41
C ASN A 533 25.03 18.85 2.37
N PRO A 534 24.42 18.18 1.36
CA PRO A 534 23.29 19.06 1.03
C PRO A 534 22.07 18.56 1.82
N PRO A 535 21.37 19.46 2.52
CA PRO A 535 20.17 19.03 3.23
C PRO A 535 19.04 18.66 2.25
N GLY A 536 18.26 17.65 2.60
CA GLY A 536 17.16 17.21 1.75
C GLY A 536 15.90 18.05 1.92
N VAL A 537 14.87 17.74 1.14
CA VAL A 537 13.62 18.49 1.18
C VAL A 537 13.05 18.61 2.59
N LEU A 538 13.11 17.52 3.36
CA LEU A 538 12.54 17.49 4.70
C LEU A 538 13.30 18.38 5.63
N ALA A 539 14.62 18.28 5.60
CA ALA A 539 15.46 19.08 6.50
C ALA A 539 15.29 20.57 6.21
N LEU A 540 15.33 20.95 4.94
CA LEU A 540 15.07 22.34 4.57
C LEU A 540 13.72 22.84 5.11
N LEU A 541 12.69 22.01 5.01
CA LEU A 541 11.36 22.36 5.49
C LEU A 541 11.43 22.67 6.97
N ASP A 542 12.09 21.78 7.70
CA ASP A 542 12.19 21.90 9.15
C ASP A 542 12.92 23.17 9.56
N GLU A 543 13.82 23.64 8.72
CA GLU A 543 14.60 24.83 9.01
C GLU A 543 13.83 26.09 8.61
N GLU A 544 13.07 26.01 7.52
CA GLU A 544 12.31 27.16 7.09
C GLU A 544 11.24 27.47 8.11
N CYS A 545 10.91 26.48 8.93
CA CYS A 545 9.85 26.62 9.91
C CYS A 545 10.28 27.43 11.13
N TRP A 546 11.56 27.36 11.47
CA TRP A 546 12.12 28.21 12.52
C TRP A 546 12.61 29.58 11.97
N PHE A 547 12.09 29.98 10.82
CA PHE A 547 12.41 31.28 10.23
C PHE A 547 11.21 32.21 10.38
N PRO A 548 11.44 33.36 11.02
CA PRO A 548 10.39 34.31 11.45
C PRO A 548 9.43 34.71 10.32
N LYS A 549 9.96 35.16 9.19
CA LYS A 549 9.11 35.67 8.13
C LYS A 549 9.11 34.79 6.88
N ALA A 550 9.15 33.47 7.10
CA ALA A 550 9.15 32.51 6.01
C ALA A 550 7.76 32.30 5.42
N THR A 551 7.69 32.14 4.10
CA THR A 551 6.47 31.67 3.47
C THR A 551 6.76 30.34 2.81
N ASP A 552 5.72 29.72 2.28
CA ASP A 552 5.86 28.51 1.50
C ASP A 552 6.85 28.77 0.38
N THR A 553 6.60 29.81 -0.41
CA THR A 553 7.45 30.13 -1.57
C THR A 553 8.89 30.41 -1.16
N SER A 554 9.07 30.99 0.03
CA SER A 554 10.39 31.17 0.62
C SER A 554 11.12 29.83 0.71
N PHE A 555 10.38 28.80 1.09
CA PHE A 555 10.90 27.44 1.21
C PHE A 555 11.24 26.84 -0.16
N VAL A 556 10.34 27.00 -1.13
CA VAL A 556 10.60 26.49 -2.49
C VAL A 556 11.84 27.14 -3.09
N GLU A 557 12.06 28.42 -2.78
CA GLU A 557 13.22 29.14 -3.29
C GLU A 557 14.54 28.66 -2.67
N LYS A 558 14.53 28.39 -1.37
CA LYS A 558 15.74 27.87 -0.73
C LYS A 558 16.04 26.46 -1.26
N LEU A 559 14.99 25.71 -1.56
CA LEU A 559 15.10 24.36 -2.11
C LEU A 559 15.82 24.39 -3.46
N ILE A 560 15.26 25.16 -4.42
CA ILE A 560 15.92 25.43 -5.70
C ILE A 560 17.39 25.84 -5.54
N GLN A 561 17.67 26.66 -4.54
CA GLN A 561 19.04 27.08 -4.24
C GLN A 561 19.99 25.89 -3.94
N GLU A 562 19.55 24.96 -3.10
CA GLU A 562 20.42 23.88 -2.59
C GLU A 562 20.31 22.57 -3.37
N GLN A 563 19.23 22.40 -4.11
CA GLN A 563 19.00 21.14 -4.80
C GLN A 563 18.64 21.38 -6.26
N GLY A 564 18.72 22.63 -6.70
CA GLY A 564 18.36 23.00 -8.05
C GLY A 564 19.01 22.16 -9.13
N ASN A 565 20.22 21.68 -8.86
CA ASN A 565 20.94 20.86 -9.85
C ASN A 565 21.12 19.40 -9.41
N HIS A 566 20.37 18.98 -8.40
CA HIS A 566 20.38 17.59 -7.99
C HIS A 566 19.75 16.80 -9.12
N ALA A 567 20.25 15.59 -9.35
CA ALA A 567 19.86 14.78 -10.51
C ALA A 567 18.36 14.50 -10.61
N LYS A 568 17.70 14.40 -9.45
CA LYS A 568 16.29 14.06 -9.38
C LYS A 568 15.39 15.25 -9.07
N PHE A 569 15.99 16.44 -9.07
CA PHE A 569 15.24 17.68 -8.95
C PHE A 569 14.98 18.33 -10.32
N GLN A 570 13.95 19.16 -10.41
CA GLN A 570 13.65 19.89 -11.62
C GLN A 570 12.67 21.03 -11.32
N LYS A 571 13.00 22.25 -11.77
CA LYS A 571 12.11 23.40 -11.57
C LYS A 571 10.94 23.40 -12.56
N SER A 572 9.72 23.48 -12.03
CA SER A 572 8.50 23.34 -12.84
C SER A 572 8.36 24.38 -13.99
N LYS A 573 8.77 23.98 -15.19
C LYS A 573 6.22 25.79 -16.51
N ASP A 577 2.44 28.32 -9.23
CA ASP A 577 3.62 27.79 -9.90
C ASP A 577 4.82 28.15 -9.04
N LYS A 578 4.69 29.22 -8.25
CA LYS A 578 5.79 29.67 -7.41
C LYS A 578 5.94 28.85 -6.13
N THR A 579 5.00 27.94 -5.88
CA THR A 579 5.14 27.00 -4.78
C THR A 579 5.30 25.57 -5.31
N GLU A 580 5.35 25.44 -6.63
CA GLU A 580 5.54 24.12 -7.25
C GLU A 580 7.01 23.74 -7.47
N PHE A 581 7.26 22.45 -7.60
CA PHE A 581 8.57 21.90 -7.90
C PHE A 581 8.40 20.43 -8.26
N CYS A 582 9.38 19.83 -8.90
CA CYS A 582 9.25 18.44 -9.31
C CYS A 582 10.31 17.53 -8.68
N ILE A 583 9.98 16.25 -8.56
CA ILE A 583 10.92 15.25 -8.10
C ILE A 583 10.78 14.04 -9.00
N LEU A 584 11.90 13.52 -9.49
CA LEU A 584 11.86 12.34 -10.35
C LEU A 584 11.92 11.05 -9.50
N HIS A 585 10.75 10.43 -9.32
CA HIS A 585 10.63 9.22 -8.49
C HIS A 585 10.94 7.98 -9.33
N TYR A 586 10.97 6.81 -8.70
CA TYR A 586 11.24 5.57 -9.42
C TYR A 586 10.27 5.40 -10.57
N ALA A 587 9.01 5.74 -10.33
CA ALA A 587 7.95 5.40 -11.26
C ALA A 587 7.40 6.61 -11.99
N GLY A 588 8.02 7.77 -11.82
CA GLY A 588 7.54 8.92 -12.54
C GLY A 588 7.85 10.29 -11.97
N LYS A 589 7.79 11.29 -12.85
CA LYS A 589 7.96 12.68 -12.47
C LYS A 589 6.71 13.12 -11.74
N VAL A 590 6.92 13.72 -10.57
CA VAL A 590 5.82 14.14 -9.74
C VAL A 590 5.92 15.62 -9.48
N THR A 591 4.82 16.32 -9.66
CA THR A 591 4.82 17.75 -9.40
C THR A 591 4.22 18.02 -8.04
N TYR A 592 5.01 18.66 -7.18
CA TYR A 592 4.57 18.98 -5.84
C TYR A 592 4.16 20.43 -5.77
N ASN A 593 3.15 20.70 -4.96
CA ASN A 593 2.73 22.06 -4.66
C ASN A 593 2.95 22.28 -3.17
N ALA A 594 3.87 23.18 -2.81
CA ALA A 594 4.27 23.34 -1.42
C ALA A 594 3.40 24.29 -0.59
N SER A 595 2.18 24.58 -1.06
CA SER A 595 1.31 25.51 -0.35
C SER A 595 0.90 24.95 1.00
N ALA A 596 1.08 25.75 2.04
CA ALA A 596 0.74 25.38 3.42
C ALA A 596 1.61 24.27 4.03
N TRP A 597 2.81 24.09 3.49
CA TRP A 597 3.67 23.02 4.00
C TRP A 597 4.28 23.46 5.31
N LEU A 598 4.59 24.74 5.42
CA LEU A 598 5.19 25.25 6.65
C LEU A 598 4.27 24.95 7.83
N THR A 599 2.96 25.13 7.62
CA THR A 599 1.94 24.93 8.64
C THR A 599 1.72 23.44 8.90
N LYS A 600 1.69 22.65 7.84
CA LYS A 600 1.53 21.21 7.94
C LYS A 600 2.68 20.52 8.67
N ASN A 601 3.87 21.09 8.58
CA ASN A 601 5.02 20.51 9.23
C ASN A 601 4.97 20.77 10.73
N MET A 602 4.26 21.82 11.10
CA MET A 602 4.23 22.29 12.48
C MET A 602 3.01 21.82 13.21
N ASP A 603 1.89 21.78 12.49
CA ASP A 603 0.64 21.28 13.02
C ASP A 603 0.22 22.00 14.31
N PRO A 604 0.08 23.33 14.25
CA PRO A 604 -0.22 24.10 15.48
C PRO A 604 -1.66 23.94 15.99
N LEU A 605 -1.83 23.88 17.30
CA LEU A 605 -3.16 23.87 17.94
C LEU A 605 -3.30 25.07 18.86
N ASN A 606 -4.54 25.48 19.15
CA ASN A 606 -4.77 26.45 20.21
C ASN A 606 -4.45 25.81 21.59
N ASP A 607 -3.39 26.27 22.24
CA ASP A 607 -2.95 25.68 23.52
C ASP A 607 -3.90 25.97 24.69
N ASN A 608 -4.68 27.05 24.59
CA ASN A 608 -5.71 27.36 25.58
C ASN A 608 -6.85 26.33 25.63
N VAL A 609 -7.50 26.06 24.50
CA VAL A 609 -8.63 25.12 24.54
C VAL A 609 -8.13 23.71 24.77
N THR A 610 -6.93 23.45 24.28
CA THR A 610 -6.26 22.18 24.46
C THR A 610 -6.14 21.90 25.95
N SER A 611 -5.85 22.96 26.69
CA SER A 611 -5.67 22.90 28.15
C SER A 611 -6.99 22.60 28.86
N LEU A 612 -8.09 23.22 28.40
CA LEU A 612 -9.41 22.94 28.94
C LEU A 612 -9.79 21.49 28.76
N LEU A 613 -9.52 20.94 27.59
CA LEU A 613 -9.87 19.54 27.32
C LEU A 613 -8.98 18.60 28.15
N ASN A 614 -7.74 19.00 28.40
CA ASN A 614 -6.89 18.23 29.30
C ASN A 614 -7.50 18.14 30.71
N GLN A 615 -8.35 19.11 31.07
CA GLN A 615 -9.07 19.08 32.33
C GLN A 615 -10.56 18.87 32.16
N SER A 616 -10.98 18.26 31.06
CA SER A 616 -12.41 18.01 30.84
C SER A 616 -13.02 17.31 32.05
N SER A 617 -14.29 17.55 32.32
CA SER A 617 -14.97 16.88 33.41
C SER A 617 -15.40 15.48 32.99
N ASP A 618 -15.28 15.18 31.70
CA ASP A 618 -15.53 13.85 31.15
C ASP A 618 -14.22 13.06 31.16
N LYS A 619 -14.21 11.90 31.78
CA LYS A 619 -12.98 11.14 31.96
C LYS A 619 -12.36 10.66 30.65
N PHE A 620 -13.22 10.28 29.71
CA PHE A 620 -12.77 9.83 28.40
C PHE A 620 -12.10 10.97 27.58
N VAL A 621 -12.77 12.11 27.45
CA VAL A 621 -12.21 13.28 26.79
C VAL A 621 -10.91 13.72 27.49
N ALA A 622 -10.91 13.70 28.81
CA ALA A 622 -9.71 13.96 29.58
C ALA A 622 -8.56 13.06 29.15
N ASP A 623 -8.86 11.78 28.96
CA ASP A 623 -7.86 10.78 28.57
C ASP A 623 -7.32 11.05 27.17
N LEU A 624 -8.22 11.32 26.22
CA LEU A 624 -7.81 11.70 24.87
C LEU A 624 -6.75 12.80 24.92
N TRP A 625 -6.93 13.77 25.81
CA TRP A 625 -6.03 14.92 25.85
C TRP A 625 -5.08 14.87 27.03
N LYS A 626 -4.62 13.66 27.35
CA LYS A 626 -3.70 13.39 28.46
C LYS A 626 -2.33 14.05 28.37
N ASP A 627 -2.09 14.88 27.35
CA ASP A 627 -0.80 15.55 27.19
C ASP A 627 -0.90 16.83 26.36
N ARG A 657 10.31 16.57 16.90
CA ARG A 657 9.28 17.60 17.05
C ARG A 657 8.42 17.91 15.78
N THR A 658 8.97 18.00 14.57
CA THR A 658 8.06 18.30 13.43
C THR A 658 7.34 17.07 12.90
N VAL A 659 6.29 17.31 12.12
CA VAL A 659 5.53 16.22 11.49
C VAL A 659 6.41 15.41 10.53
N GLY A 660 7.22 16.13 9.74
CA GLY A 660 8.27 15.52 8.95
C GLY A 660 9.25 14.67 9.76
N GLN A 661 9.77 15.23 10.85
CA GLN A 661 10.73 14.49 11.69
C GLN A 661 10.10 13.20 12.21
N LEU A 662 8.90 13.32 12.76
CA LEU A 662 8.22 12.18 13.34
C LEU A 662 7.97 11.10 12.30
N TYR A 663 7.47 11.47 11.13
CA TYR A 663 7.17 10.44 10.12
C TYR A 663 8.44 9.71 9.67
N LYS A 664 9.52 10.47 9.41
CA LYS A 664 10.79 9.86 9.06
C LYS A 664 11.23 8.84 10.12
N GLU A 665 10.96 9.12 11.39
CA GLU A 665 11.34 8.17 12.43
C GLU A 665 10.48 6.91 12.34
N GLN A 666 9.19 7.09 12.10
CA GLN A 666 8.26 5.99 11.98
C GLN A 666 8.68 5.09 10.84
N LEU A 667 9.07 5.71 9.72
CA LEU A 667 9.48 4.96 8.55
C LEU A 667 10.85 4.30 8.70
N THR A 668 11.78 4.98 9.37
CA THR A 668 13.05 4.35 9.72
C THR A 668 12.87 3.06 10.54
N LYS A 669 12.06 3.13 11.59
CA LYS A 669 11.75 1.96 12.40
C LYS A 669 11.03 0.85 11.64
N LEU A 670 10.12 1.20 10.73
CA LEU A 670 9.43 0.17 9.95
C LEU A 670 10.38 -0.56 9.00
N MET A 671 11.24 0.19 8.32
CA MET A 671 12.18 -0.41 7.39
C MET A 671 13.12 -1.31 8.15
N THR A 672 13.59 -0.86 9.31
CA THR A 672 14.45 -1.70 10.15
C THR A 672 13.78 -3.05 10.50
N THR A 673 12.53 -3.01 10.96
CA THR A 673 11.75 -4.25 11.12
C THR A 673 11.76 -5.11 9.85
N LEU A 674 11.47 -4.52 8.69
CA LEU A 674 11.34 -5.32 7.46
C LEU A 674 12.67 -5.91 7.00
N ARG A 675 13.73 -5.11 7.01
CA ARG A 675 15.03 -5.58 6.58
C ARG A 675 15.48 -6.79 7.39
N ASN A 676 15.01 -6.89 8.63
CA ASN A 676 15.26 -8.05 9.46
C ASN A 676 14.20 -9.15 9.41
N THR A 677 13.61 -9.37 8.25
CA THR A 677 12.70 -10.48 8.06
C THR A 677 12.97 -11.10 6.71
N ASN A 678 12.31 -12.22 6.45
CA ASN A 678 12.27 -12.81 5.12
C ASN A 678 10.97 -12.36 4.49
N PRO A 679 11.04 -11.43 3.51
CA PRO A 679 9.87 -10.78 2.90
C PRO A 679 9.29 -11.54 1.72
N ASN A 680 7.97 -11.52 1.63
CA ASN A 680 7.25 -12.07 0.51
C ASN A 680 6.40 -10.95 -0.10
N PHE A 681 6.49 -10.78 -1.40
CA PHE A 681 5.84 -9.66 -2.06
C PHE A 681 4.58 -10.06 -2.79
N VAL A 682 3.47 -9.43 -2.44
CA VAL A 682 2.21 -9.64 -3.16
C VAL A 682 1.79 -8.40 -3.97
N ARG A 683 2.02 -8.43 -5.28
CA ARG A 683 1.73 -7.28 -6.14
C ARG A 683 0.27 -7.24 -6.58
N CYS A 684 -0.54 -6.36 -5.98
CA CYS A 684 -1.96 -6.21 -6.36
C CYS A 684 -2.16 -5.31 -7.58
N ILE A 685 -3.00 -5.76 -8.51
CA ILE A 685 -3.25 -5.05 -9.78
C ILE A 685 -4.74 -4.76 -9.91
N ILE A 686 -5.09 -3.50 -10.23
CA ILE A 686 -6.49 -3.15 -10.50
C ILE A 686 -6.82 -3.36 -12.01
N PRO A 687 -7.91 -4.07 -12.31
CA PRO A 687 -8.18 -4.41 -13.72
C PRO A 687 -8.66 -3.23 -14.57
N ASN A 688 -9.41 -2.31 -13.96
CA ASN A 688 -9.98 -1.18 -14.67
C ASN A 688 -10.38 -0.05 -13.72
N HIS A 689 -10.63 1.13 -14.27
CA HIS A 689 -10.97 2.27 -13.45
C HIS A 689 -12.47 2.44 -13.34
N GLU A 690 -13.21 1.34 -13.46
CA GLU A 690 -14.67 1.43 -13.42
C GLU A 690 -15.32 0.46 -12.43
N LYS A 691 -14.51 -0.20 -11.61
CA LYS A 691 -15.01 -1.18 -10.64
C LYS A 691 -15.81 -2.31 -11.28
N ARG A 692 -15.38 -2.73 -12.47
CA ARG A 692 -16.08 -3.77 -13.25
C ARG A 692 -15.47 -5.16 -13.14
N ALA A 693 -16.31 -6.16 -12.94
CA ALA A 693 -15.86 -7.55 -13.02
C ALA A 693 -15.63 -7.91 -14.48
N GLY A 694 -14.70 -8.83 -14.71
CA GLY A 694 -14.47 -9.36 -16.04
C GLY A 694 -14.20 -8.37 -17.15
N LYS A 695 -13.41 -7.34 -16.86
CA LYS A 695 -12.96 -6.40 -17.89
C LYS A 695 -11.53 -5.99 -17.59
N LEU A 696 -10.62 -6.33 -18.49
CA LEU A 696 -9.20 -6.04 -18.29
C LEU A 696 -8.74 -4.94 -19.22
N ASP A 697 -8.15 -3.90 -18.66
CA ASP A 697 -7.73 -2.74 -19.42
C ASP A 697 -6.21 -2.85 -19.64
N ALA A 698 -5.83 -3.35 -20.82
CA ALA A 698 -4.43 -3.70 -21.11
C ALA A 698 -3.39 -2.66 -20.75
N HIS A 699 -3.61 -1.41 -21.13
CA HIS A 699 -2.60 -0.39 -20.90
C HIS A 699 -2.52 0.04 -19.45
N LEU A 700 -3.65 -0.06 -18.77
CA LEU A 700 -3.73 0.14 -17.34
C LEU A 700 -2.95 -0.93 -16.57
N VAL A 701 -3.00 -2.17 -17.06
CA VAL A 701 -2.26 -3.25 -16.42
C VAL A 701 -0.77 -3.07 -16.69
N LEU A 702 -0.41 -2.79 -17.95
CA LEU A 702 0.98 -2.54 -18.32
C LEU A 702 1.62 -1.40 -17.52
N GLU A 703 0.90 -0.29 -17.34
CA GLU A 703 1.40 0.82 -16.52
C GLU A 703 1.69 0.42 -15.09
N GLN A 704 0.87 -0.49 -14.55
CA GLN A 704 1.01 -0.97 -13.18
C GLN A 704 2.19 -1.92 -13.05
N LEU A 705 2.45 -2.69 -14.10
CA LEU A 705 3.58 -3.61 -14.09
C LEU A 705 4.87 -2.82 -14.24
N ARG A 706 4.74 -1.56 -14.67
CA ARG A 706 5.88 -0.70 -14.84
C ARG A 706 6.25 -0.10 -13.47
N CYS A 707 5.28 0.44 -12.74
CA CYS A 707 5.52 1.02 -11.40
C CYS A 707 6.10 0.02 -10.40
N ASN A 708 5.65 -1.23 -10.52
CA ASN A 708 6.02 -2.34 -9.63
C ASN A 708 7.44 -2.78 -9.74
N GLY A 709 8.03 -2.60 -10.93
CA GLY A 709 9.32 -3.16 -11.22
C GLY A 709 9.22 -4.46 -11.99
N VAL A 710 7.99 -4.93 -12.21
CA VAL A 710 7.80 -6.16 -12.99
C VAL A 710 8.47 -6.04 -14.36
N LEU A 711 8.40 -4.86 -14.98
CA LEU A 711 9.00 -4.71 -16.31
C LEU A 711 10.51 -4.53 -16.25
N GLU A 712 11.03 -3.90 -15.21
CA GLU A 712 12.48 -3.91 -14.98
C GLU A 712 12.95 -5.36 -14.76
N GLY A 713 12.13 -6.17 -14.09
CA GLY A 713 12.46 -7.57 -13.91
C GLY A 713 12.59 -8.32 -15.22
N ILE A 714 11.63 -8.14 -16.12
CA ILE A 714 11.71 -8.79 -17.42
C ILE A 714 12.96 -8.35 -18.21
N ARG A 715 13.23 -7.06 -18.24
CA ARG A 715 14.43 -6.55 -18.88
C ARG A 715 15.70 -7.18 -18.29
N ILE A 716 15.84 -7.15 -16.97
CA ILE A 716 17.03 -7.66 -16.26
C ILE A 716 17.28 -9.18 -16.39
N CYS A 717 16.23 -9.99 -16.34
CA CYS A 717 16.39 -11.42 -16.58
C CYS A 717 16.56 -11.72 -18.06
N ARG A 718 16.10 -10.81 -18.92
CA ARG A 718 16.39 -10.90 -20.34
C ARG A 718 17.90 -10.85 -20.54
N GLN A 719 18.59 -9.92 -19.87
CA GLN A 719 20.05 -9.88 -19.88
C GLN A 719 20.70 -10.92 -18.95
N GLY A 720 20.21 -12.14 -18.92
CA GLY A 720 20.80 -13.13 -18.04
C GLY A 720 20.53 -14.54 -18.47
N PHE A 721 20.32 -15.43 -17.51
CA PHE A 721 19.94 -16.79 -17.82
C PHE A 721 18.60 -17.13 -17.19
N PRO A 722 17.51 -16.68 -17.83
CA PRO A 722 16.14 -16.79 -17.33
C PRO A 722 15.68 -18.23 -17.17
N ASN A 723 16.17 -19.15 -18.00
CA ASN A 723 15.79 -20.55 -17.87
C ASN A 723 16.89 -21.36 -17.19
N ARG A 724 16.54 -22.06 -16.13
CA ARG A 724 17.51 -22.86 -15.37
C ARG A 724 16.93 -24.21 -15.00
N ILE A 725 17.60 -25.29 -15.39
CA ILE A 725 17.00 -26.60 -15.26
C ILE A 725 17.97 -27.67 -14.76
N VAL A 726 17.53 -28.43 -13.76
CA VAL A 726 18.33 -29.49 -13.14
C VAL A 726 18.68 -30.62 -14.11
N PHE A 727 19.90 -31.13 -14.01
CA PHE A 727 20.44 -32.14 -14.92
C PHE A 727 19.45 -33.25 -15.22
N GLN A 728 18.95 -33.87 -14.17
CA GLN A 728 18.03 -34.98 -14.26
C GLN A 728 16.80 -34.63 -15.07
N GLU A 729 16.35 -33.39 -14.94
CA GLU A 729 15.18 -32.93 -15.66
C GLU A 729 15.48 -32.70 -17.15
N PHE A 730 16.66 -32.17 -17.45
CA PHE A 730 17.08 -31.91 -18.83
C PHE A 730 17.20 -33.22 -19.59
N ARG A 731 17.64 -34.26 -18.89
CA ARG A 731 17.75 -35.61 -19.45
C ARG A 731 16.39 -36.10 -19.96
N GLN A 732 15.47 -36.33 -19.04
CA GLN A 732 14.18 -36.96 -19.35
C GLN A 732 13.18 -36.04 -20.03
N ARG A 733 13.66 -35.04 -20.76
CA ARG A 733 12.77 -34.16 -21.50
C ARG A 733 13.22 -34.08 -22.94
N TYR A 734 14.51 -33.82 -23.12
CA TYR A 734 15.05 -33.64 -24.45
C TYR A 734 15.94 -34.81 -24.89
N GLU A 735 15.85 -35.94 -24.21
CA GLU A 735 16.48 -37.15 -24.73
C GLU A 735 15.69 -37.61 -25.95
N ILE A 736 14.45 -37.12 -26.04
CA ILE A 736 13.64 -37.25 -27.25
C ILE A 736 14.45 -36.78 -28.46
N LEU A 737 14.61 -35.46 -28.57
CA LEU A 737 15.35 -34.85 -29.69
C LEU A 737 16.87 -35.01 -29.57
N ALA A 738 17.31 -35.80 -28.58
CA ALA A 738 18.73 -36.13 -28.40
C ALA A 738 18.90 -37.47 -27.68
N ALA A 739 18.62 -38.56 -28.38
CA ALA A 739 18.64 -39.91 -27.81
C ALA A 739 20.02 -40.56 -27.90
N ASN A 740 20.74 -40.26 -28.96
CA ASN A 740 21.97 -40.95 -29.28
C ASN A 740 23.21 -40.38 -28.59
N ALA A 741 23.04 -39.26 -27.90
CA ALA A 741 24.16 -38.61 -27.22
C ALA A 741 24.69 -39.50 -26.11
N ILE A 742 23.76 -40.02 -25.31
CA ILE A 742 24.09 -40.76 -24.10
C ILE A 742 24.18 -42.27 -24.33
N PRO A 743 25.39 -42.85 -24.18
CA PRO A 743 25.56 -44.30 -24.23
C PRO A 743 24.70 -45.04 -23.18
N LYS A 744 24.42 -46.32 -23.43
CA LYS A 744 23.61 -47.11 -22.52
C LYS A 744 24.39 -47.38 -21.22
N GLY A 745 23.68 -47.36 -20.09
CA GLY A 745 24.32 -47.57 -18.78
C GLY A 745 24.24 -46.34 -17.89
N PHE A 746 24.45 -46.53 -16.59
CA PHE A 746 24.44 -45.43 -15.63
C PHE A 746 25.42 -44.34 -16.04
N MET A 747 25.12 -43.10 -15.66
CA MET A 747 26.05 -41.99 -15.85
C MET A 747 25.69 -40.80 -14.96
N ASP A 748 26.71 -40.15 -14.40
CA ASP A 748 26.56 -38.89 -13.68
C ASP A 748 25.72 -37.88 -14.48
N GLY A 749 24.82 -37.18 -13.80
CA GLY A 749 23.87 -36.28 -14.42
C GLY A 749 24.49 -35.12 -15.18
N LYS A 750 25.54 -34.52 -14.60
CA LYS A 750 26.23 -33.45 -15.31
C LYS A 750 26.90 -34.00 -16.57
N GLN A 751 27.47 -35.20 -16.46
CA GLN A 751 28.14 -35.85 -17.60
C GLN A 751 27.17 -36.08 -18.76
N ALA A 752 25.99 -36.59 -18.46
CA ALA A 752 25.00 -36.89 -19.48
C ALA A 752 24.58 -35.64 -20.21
N CYS A 753 24.41 -34.56 -19.46
CA CYS A 753 24.00 -33.29 -20.02
C CYS A 753 25.04 -32.68 -20.94
N ILE A 754 26.30 -32.72 -20.50
CA ILE A 754 27.41 -32.22 -21.31
C ILE A 754 27.40 -32.89 -22.69
N LEU A 755 27.14 -34.20 -22.71
CA LEU A 755 27.04 -34.93 -23.96
C LEU A 755 25.85 -34.46 -24.80
N MET A 756 24.72 -34.29 -24.15
CA MET A 756 23.51 -33.83 -24.83
C MET A 756 23.74 -32.47 -25.47
N ILE A 757 24.56 -31.65 -24.83
CA ILE A 757 24.83 -30.31 -25.29
C ILE A 757 25.80 -30.31 -26.48
N LYS A 758 26.91 -31.06 -26.35
CA LYS A 758 27.84 -31.25 -27.45
C LYS A 758 27.10 -31.81 -28.66
N ALA A 759 26.19 -32.74 -28.38
CA ALA A 759 25.33 -33.33 -29.40
C ALA A 759 24.34 -32.35 -29.99
N LEU A 760 24.33 -31.13 -29.46
CA LEU A 760 23.44 -30.09 -29.96
C LEU A 760 24.21 -29.02 -30.73
N GLU A 761 25.53 -29.09 -30.69
CA GLU A 761 26.39 -28.07 -31.31
C GLU A 761 26.03 -26.65 -30.85
N LEU A 762 25.50 -26.55 -29.63
CA LEU A 762 25.04 -25.29 -29.06
C LEU A 762 26.17 -24.29 -28.84
N ASP A 763 25.97 -23.06 -29.28
CA ASP A 763 26.95 -21.98 -29.11
C ASP A 763 27.23 -21.67 -27.63
N PRO A 764 28.47 -21.86 -27.17
CA PRO A 764 28.89 -21.79 -25.76
C PRO A 764 28.56 -20.48 -25.05
N ASN A 765 28.11 -19.48 -25.78
CA ASN A 765 27.71 -18.20 -25.19
C ASN A 765 26.27 -18.24 -24.69
N LEU A 766 25.55 -19.31 -25.02
CA LEU A 766 24.12 -19.37 -24.75
C LEU A 766 23.76 -20.28 -23.56
N TYR A 767 24.75 -20.88 -22.92
CA TYR A 767 24.51 -21.70 -21.73
C TYR A 767 25.66 -21.61 -20.75
N ARG A 768 25.40 -22.08 -19.53
CA ARG A 768 26.45 -22.23 -18.55
C ARG A 768 26.09 -23.46 -17.77
N ILE A 769 27.09 -24.27 -17.44
CA ILE A 769 26.87 -25.44 -16.60
C ILE A 769 27.14 -25.11 -15.12
N GLY A 770 26.16 -25.40 -14.28
CA GLY A 770 26.28 -25.13 -12.85
C GLY A 770 26.44 -26.40 -12.05
N GLN A 771 26.53 -26.26 -10.74
CA GLN A 771 26.66 -27.43 -9.87
C GLN A 771 25.49 -28.41 -9.99
N SER A 772 24.28 -27.90 -10.15
CA SER A 772 23.12 -28.80 -10.23
C SER A 772 22.16 -28.51 -11.40
N LYS A 773 22.41 -27.43 -12.14
CA LYS A 773 21.49 -26.99 -13.18
C LYS A 773 22.22 -26.48 -14.40
N ILE A 774 21.52 -26.41 -15.53
CA ILE A 774 22.04 -25.68 -16.68
C ILE A 774 21.34 -24.32 -16.74
N PHE A 775 22.14 -23.28 -16.97
CA PHE A 775 21.63 -21.92 -17.10
C PHE A 775 21.53 -21.55 -18.58
N PHE A 776 20.31 -21.36 -19.08
CA PHE A 776 20.08 -21.05 -20.50
C PHE A 776 19.66 -19.60 -20.74
N ARG A 777 20.16 -19.00 -21.82
CA ARG A 777 19.63 -17.72 -22.26
C ARG A 777 18.20 -17.92 -22.73
N THR A 778 17.47 -16.82 -22.90
CA THR A 778 16.18 -16.90 -23.56
C THR A 778 16.47 -16.69 -25.04
N GLY A 779 15.74 -17.38 -25.90
CA GLY A 779 14.88 -18.48 -25.53
C GLY A 779 15.49 -19.69 -26.20
N VAL A 780 16.73 -19.98 -25.82
CA VAL A 780 17.46 -21.13 -26.31
C VAL A 780 16.64 -22.42 -26.18
N LEU A 781 15.91 -22.55 -25.08
CA LEU A 781 15.08 -23.73 -24.86
C LEU A 781 13.83 -23.74 -25.74
N ALA A 782 13.45 -22.57 -26.24
CA ALA A 782 12.29 -22.46 -27.12
C ALA A 782 12.65 -23.10 -28.45
N HIS A 783 13.82 -22.72 -28.96
CA HIS A 783 14.38 -23.26 -30.19
C HIS A 783 14.36 -24.80 -30.26
N LEU A 784 14.25 -25.47 -29.12
CA LEU A 784 14.33 -26.92 -29.08
C LEU A 784 12.97 -27.63 -29.06
N GLU A 785 11.92 -26.92 -28.64
CA GLU A 785 10.57 -27.47 -28.63
C GLU A 785 10.11 -27.84 -30.04
N GLU A 786 10.83 -27.31 -31.03
CA GLU A 786 10.66 -27.68 -32.43
C GLU A 786 11.95 -28.33 -32.93
N GLU A 787 12.84 -27.50 -33.48
CA GLU A 787 14.12 -27.95 -34.03
C GLU A 787 15.09 -28.37 -32.93
N1 52E B . 11.38 -15.04 -14.28
C6 52E B . 8.47 -12.57 -14.62
N3 52E B . 14.60 -11.41 -10.65
C5 52E B . 8.21 -11.19 -14.41
C15 52E B . 14.27 -17.39 -11.01
C16 52E B . 13.66 -18.62 -11.64
C17 52E B . 13.02 -19.51 -10.63
O30 52E B . 11.64 -19.39 -10.45
O31 52E B . 14.66 -19.33 -12.32
N2 52E B . 13.13 -15.79 -12.60
N4 52E B . 12.66 -10.01 -10.55
C7 52E B . 9.20 -10.36 -13.98
C8 52E B . 10.48 -10.86 -13.75
C9 52E B . 10.75 -12.24 -13.95
C10 52E B . 9.74 -13.07 -14.38
C11 52E B . 10.03 -14.56 -14.59
C12 52E B . 11.76 -15.29 -12.92
C13 52E B . 14.10 -16.02 -13.69
C14 52E B . 13.52 -16.04 -11.21
C18 52E B . 14.33 -14.89 -10.66
C19 52E B . 13.78 -12.58 -10.83
C20 52E B . 13.99 -10.10 -10.60
C21 52E B . 14.79 -8.97 -10.60
C22 52E B . 14.20 -7.65 -10.54
C23 52E B . 12.84 -7.57 -10.49
C24 52E B . 12.07 -8.79 -10.49
C25 52E B . 14.99 -6.46 -10.54
C26 52E B . 14.34 -5.20 -10.49
C27 52E B . 12.95 -5.12 -10.44
C28 52E B . 12.19 -6.29 -10.44
O29 52E B . 10.95 -15.10 -12.00
O32 52E B . 14.32 -13.71 -11.39
O33 52E B . 12.64 -12.58 -10.43
CL1 52E B . 7.22 -13.61 -15.15
F35 52E B . 6.99 -10.70 -14.64
MG MG C . -6.99 -0.81 1.72
PB ADP D . -6.92 -1.39 -1.57
O1B ADP D . -7.06 0.08 -1.90
O2B ADP D . -6.94 -1.71 -0.10
O3B ADP D . -5.82 -2.05 -2.40
PA ADP D . -9.27 -3.08 -1.38
O1A ADP D . -10.14 -2.33 -0.38
O2A ADP D . -8.49 -4.30 -0.91
O3A ADP D . -8.30 -2.02 -2.13
O5' ADP D . -10.23 -3.55 -2.57
C5' ADP D . -11.16 -2.67 -3.16
C4' ADP D . -12.43 -3.44 -3.50
O4' ADP D . -12.21 -4.41 -4.54
C3' ADP D . -12.94 -4.24 -2.32
O3' ADP D . -13.89 -3.47 -1.61
C2' ADP D . -13.61 -5.42 -2.96
O2' ADP D . -14.93 -5.03 -3.30
C1' ADP D . -12.92 -5.63 -4.29
N9 ADP D . -11.96 -6.77 -4.19
C8 ADP D . -10.63 -6.67 -4.10
N7 ADP D . -10.03 -7.89 -4.04
C5 ADP D . -11.01 -8.80 -4.11
C6 ADP D . -11.06 -10.27 -4.10
N6 ADP D . -9.92 -10.98 -4.02
N1 ADP D . -12.27 -10.85 -4.18
C2 ADP D . -13.39 -10.12 -4.27
N3 ADP D . -13.42 -8.78 -4.29
C4 ADP D . -12.28 -8.07 -4.21
#